data_5Y1H
#
_entry.id   5Y1H
#
_cell.length_a   74.564
_cell.length_b   109.241
_cell.length_c   112.518
_cell.angle_alpha   90.000
_cell.angle_beta   90.000
_cell.angle_gamma   90.000
#
_symmetry.space_group_name_H-M   'P 21 21 21'
#
loop_
_entity.id
_entity.type
_entity.pdbx_description
1 polymer 'M1 family aminopeptidase'
2 non-polymer 'MAGNESIUM ION'
3 non-polymer 'ZINC ION'
4 non-polymer GLYCEROL
5 non-polymer (2R)-2-[[2,4-bis(fluoranyl)phenyl]methylcarbamoylamino]-4-methyl-N-oxidanyl-pentanamide
6 water water
#
_entity_poly.entity_id   1
_entity_poly.type   'polypeptide(L)'
_entity_poly.pdbx_seq_one_letter_code
;MGSSHHHHHHSSGLVPRGSHMASEPKIHYRKDYKPSGFIINNVTLNINIHDNETIVRSVLDMDISKHNVGEDLVFDGVGL
KINEISINNKKLVEGEEYTYDNEFLTIFSKFVPKSKFAFSSEVIIHPETNYALTGLYKSKNIIVSQCEATGFRRITFFID
RPDMMAKYDVTVTADKEKYPVLLSNGDKVNEFEIPGGRHGARFNDPHLKPCYLFAVVAGDLKHLSATYITKYTKKKVELY
VFSEEKYVSKLQWALECLKKSMAFDEDYFGLEYDLSRLNLVAVSDFNVGAMENKGLNIFNANSLLASKKNSIDFSYARIL
TVVGHEYFHNYTGNRVTLRDWFQLTLKEGLTVHRENLFSEEMTKTVTTRLSHVDLLRSVQFLEDSSPLSHPIRPESYVSM
ENFYTTTVYDKGSEVMRMYLTILGEEYYKKGFDIYIKKNDGNTATCEDFNYAMEQAYKMKKADNSANLNQYLLWFSQSGT
PHVSFKYNYDAEKKQYSIHVNQYTKPDENQKEKKPLFIPISVGLINPENGKEMISQTTLELTKESDTFVFNNIAVKPIPS
LFRGFSAPVYIEDNLTDEERILLLKYDSDAFVRYNSCTNIYMKQILMNYNEFLKAKNEKLESFNLTPVNAQFIDAIKYLL
EDPHADAGFKSYIVSLPQDRYIINFVSNLDTDVLADTKEYIYKQIGDKLNDVYYKMFKSLEAKADDLTYFNDESHVDFDQ
MNMRTLRNTLLSLLSKAQYPNILNEIIEHSKSPYPSNWLTSLSVSAYFDKYFELYDKTYKLSKDDELLLQEWLKTVSRSD
RKDIYEILKKLENEVLKDSKNPNDIRAVYLPFTNNLRRFHDISGKGYKLIAEVITKTDKFNPMVATQLCEPFKLWNKLDT
KRQELMLNEMNTMLQEPNISNNLKEYLLRLTNKL
;
_entity_poly.pdbx_strand_id   A
#
loop_
_chem_comp.id
_chem_comp.type
_chem_comp.name
_chem_comp.formula
E8C non-polymer (2R)-2-[[2,4-bis(fluoranyl)phenyl]methylcarbamoylamino]-4-methyl-N-oxidanyl-pentanamide 'C14 H19 F2 N3 O3'
GOL non-polymer GLYCEROL 'C3 H8 O3'
MG non-polymer 'MAGNESIUM ION' 'Mg 2'
ZN non-polymer 'ZINC ION' 'Zn 2'
#
# COMPACT_ATOMS: atom_id res chain seq x y z
N PRO A 25 -15.26 -10.89 21.10
CA PRO A 25 -15.68 -11.62 19.87
C PRO A 25 -14.99 -13.04 19.59
N LYS A 26 -15.12 -13.60 18.36
CA LYS A 26 -14.46 -14.91 17.95
C LYS A 26 -12.95 -14.86 17.47
N ILE A 27 -12.01 -15.21 18.34
CA ILE A 27 -10.57 -14.91 18.14
C ILE A 27 -9.78 -16.12 17.66
N HIS A 28 -9.15 -15.99 16.49
CA HIS A 28 -8.25 -17.00 15.95
C HIS A 28 -6.79 -16.71 16.36
N TYR A 29 -6.06 -17.73 16.83
CA TYR A 29 -4.67 -17.62 17.33
C TYR A 29 -3.71 -18.36 16.43
N ARG A 30 -2.58 -17.70 16.12
CA ARG A 30 -1.59 -18.30 15.29
C ARG A 30 -1.12 -19.65 15.76
N LYS A 31 -0.90 -19.79 17.06
CA LYS A 31 -0.45 -21.04 17.64
C LYS A 31 -1.36 -22.26 17.47
N ASP A 32 -2.64 -22.03 17.22
CA ASP A 32 -3.64 -23.10 17.17
C ASP A 32 -3.78 -23.66 15.76
N TYR A 33 -2.92 -23.28 14.82
CA TYR A 33 -3.00 -23.87 13.48
C TYR A 33 -2.96 -25.42 13.52
N LYS A 34 -3.91 -26.04 12.82
CA LYS A 34 -3.92 -27.48 12.58
C LYS A 34 -4.43 -27.76 11.17
N PRO A 35 -3.85 -28.77 10.53
CA PRO A 35 -4.33 -29.11 9.18
C PRO A 35 -5.73 -29.67 9.26
N SER A 36 -6.42 -29.54 8.15
CA SER A 36 -7.79 -30.01 8.11
C SER A 36 -7.89 -31.55 8.12
N GLY A 37 -9.04 -32.00 8.61
CA GLY A 37 -9.47 -33.38 8.53
C GLY A 37 -9.96 -33.86 7.16
N PHE A 38 -10.03 -32.91 6.22
CA PHE A 38 -10.60 -33.13 4.91
C PHE A 38 -9.67 -32.57 3.85
N ILE A 39 -9.85 -33.04 2.63
CA ILE A 39 -9.19 -32.59 1.44
C ILE A 39 -10.23 -32.33 0.39
N ILE A 40 -10.08 -31.25 -0.36
CA ILE A 40 -10.89 -30.93 -1.50
C ILE A 40 -9.91 -30.99 -2.69
N ASN A 41 -10.13 -31.92 -3.61
CA ASN A 41 -9.25 -32.10 -4.75
C ASN A 41 -9.66 -31.39 -6.01
N ASN A 42 -10.94 -31.37 -6.29
CA ASN A 42 -11.49 -30.73 -7.47
C ASN A 42 -12.77 -29.98 -7.15
N VAL A 43 -12.91 -28.85 -7.82
CA VAL A 43 -14.07 -28.00 -7.71
C VAL A 43 -14.67 -27.81 -9.07
N THR A 44 -15.91 -28.18 -9.28
CA THR A 44 -16.57 -27.99 -10.54
C THR A 44 -17.77 -27.05 -10.34
N LEU A 45 -17.76 -25.88 -10.96
CA LEU A 45 -18.76 -24.84 -10.68
C LEU A 45 -19.51 -24.53 -11.96
N ASN A 46 -20.81 -24.26 -11.78
CA ASN A 46 -21.66 -23.67 -12.80
C ASN A 46 -22.25 -22.43 -12.15
N ILE A 47 -21.95 -21.26 -12.71
CA ILE A 47 -22.43 -20.00 -12.22
C ILE A 47 -23.35 -19.41 -13.28
N ASN A 48 -24.64 -19.36 -12.95
CA ASN A 48 -25.66 -18.98 -13.93
C ASN A 48 -26.21 -17.63 -13.52
N ILE A 49 -25.79 -16.60 -14.27
CA ILE A 49 -26.16 -15.19 -13.95
C ILE A 49 -27.49 -14.84 -14.56
N HIS A 50 -28.42 -14.34 -13.72
CA HIS A 50 -29.69 -13.78 -14.26
C HIS A 50 -29.88 -12.35 -13.68
N ASP A 51 -30.90 -11.61 -14.15
CA ASP A 51 -31.09 -10.25 -13.69
C ASP A 51 -31.23 -10.11 -12.18
N ASN A 52 -32.07 -10.92 -11.57
CA ASN A 52 -32.34 -10.77 -10.15
C ASN A 52 -31.87 -11.92 -9.32
N GLU A 53 -31.00 -12.78 -9.84
CA GLU A 53 -30.40 -13.81 -9.01
C GLU A 53 -29.26 -14.46 -9.79
N THR A 54 -28.29 -15.00 -9.05
CA THR A 54 -27.29 -15.88 -9.65
C THR A 54 -27.32 -17.21 -8.94
N ILE A 55 -27.38 -18.30 -9.72
CA ILE A 55 -27.46 -19.65 -9.15
C ILE A 55 -26.07 -20.26 -9.31
N VAL A 56 -25.54 -20.78 -8.21
CA VAL A 56 -24.26 -21.38 -8.19
C VAL A 56 -24.40 -22.87 -7.83
N ARG A 57 -24.07 -23.75 -8.79
CA ARG A 57 -24.08 -25.17 -8.51
C ARG A 57 -22.61 -25.60 -8.44
N SER A 58 -22.25 -26.36 -7.42
CA SER A 58 -20.89 -26.69 -7.16
C SER A 58 -20.72 -28.14 -6.73
N VAL A 59 -19.85 -28.86 -7.41
CA VAL A 59 -19.46 -30.19 -6.95
C VAL A 59 -18.04 -30.13 -6.39
N LEU A 60 -17.87 -30.57 -5.14
CA LEU A 60 -16.53 -30.71 -4.57
C LEU A 60 -16.18 -32.20 -4.46
N ASP A 61 -15.09 -32.57 -5.12
CA ASP A 61 -14.53 -33.94 -5.05
C ASP A 61 -13.59 -33.94 -3.86
N MET A 62 -14.05 -34.61 -2.80
CA MET A 62 -13.39 -34.53 -1.49
C MET A 62 -12.86 -35.85 -1.00
N ASP A 63 -12.13 -35.77 0.08
CA ASP A 63 -11.59 -37.00 0.70
C ASP A 63 -11.27 -36.66 2.15
N ILE A 64 -10.98 -37.70 2.90
CA ILE A 64 -10.56 -37.65 4.28
C ILE A 64 -9.03 -37.58 4.33
N SER A 65 -8.48 -36.68 5.14
CA SER A 65 -7.02 -36.60 5.31
C SER A 65 -6.51 -37.52 6.41
N LYS A 66 -5.19 -37.59 6.49
CA LYS A 66 -4.56 -38.38 7.57
C LYS A 66 -4.78 -37.77 8.95
N HIS A 67 -5.26 -36.54 9.04
CA HIS A 67 -5.52 -35.85 10.29
C HIS A 67 -6.95 -36.05 10.78
N ASN A 68 -7.82 -36.70 9.98
CA ASN A 68 -9.21 -36.86 10.34
C ASN A 68 -9.40 -37.75 11.60
N VAL A 69 -10.28 -37.31 12.48
CA VAL A 69 -10.67 -38.05 13.74
C VAL A 69 -12.19 -38.25 13.80
N GLY A 70 -12.79 -38.35 12.61
CA GLY A 70 -14.25 -38.54 12.49
C GLY A 70 -15.13 -37.37 12.87
N GLU A 71 -14.62 -36.16 12.72
CA GLU A 71 -15.36 -34.97 13.05
C GLU A 71 -16.47 -34.68 12.03
N ASP A 72 -17.44 -33.89 12.48
CA ASP A 72 -18.37 -33.20 11.59
C ASP A 72 -17.61 -32.49 10.44
N LEU A 73 -18.27 -32.43 9.30
CA LEU A 73 -17.75 -31.71 8.16
C LEU A 73 -18.38 -30.33 8.16
N VAL A 74 -17.54 -29.29 8.37
CA VAL A 74 -18.04 -27.93 8.50
C VAL A 74 -17.50 -27.07 7.37
N PHE A 75 -18.42 -26.53 6.59
CA PHE A 75 -18.13 -25.63 5.52
C PHE A 75 -18.43 -24.19 5.98
N ASP A 76 -17.59 -23.27 5.48
CA ASP A 76 -17.96 -21.86 5.49
C ASP A 76 -18.95 -21.56 4.36
N GLY A 77 -19.96 -20.74 4.66
CA GLY A 77 -20.94 -20.33 3.66
C GLY A 77 -21.76 -19.21 4.24
N VAL A 78 -21.53 -17.99 3.73
CA VAL A 78 -22.14 -16.77 4.34
C VAL A 78 -23.15 -16.16 3.44
N GLY A 79 -24.36 -16.04 3.94
CA GLY A 79 -25.45 -15.44 3.22
C GLY A 79 -25.96 -16.19 2.00
N LEU A 80 -25.79 -17.50 1.98
CA LEU A 80 -26.21 -18.31 0.82
C LEU A 80 -27.65 -18.82 1.04
N LYS A 81 -28.44 -18.82 0.01
CA LYS A 81 -29.76 -19.44 0.05
C LYS A 81 -29.64 -20.85 -0.56
N ILE A 82 -29.89 -21.87 0.26
CA ILE A 82 -29.73 -23.22 -0.16
C ILE A 82 -30.89 -23.71 -1.00
N ASN A 83 -30.60 -24.20 -2.20
CA ASN A 83 -31.55 -24.96 -3.00
C ASN A 83 -31.44 -26.44 -2.79
N GLU A 84 -30.23 -27.00 -2.68
CA GLU A 84 -30.04 -28.38 -2.46
C GLU A 84 -28.63 -28.70 -1.95
N ILE A 85 -28.53 -29.74 -1.15
CA ILE A 85 -27.31 -30.25 -0.63
C ILE A 85 -27.36 -31.76 -0.85
N SER A 86 -26.27 -32.35 -1.32
CA SER A 86 -26.13 -33.83 -1.36
C SER A 86 -24.70 -34.32 -1.17
N ILE A 87 -24.55 -35.59 -0.78
CA ILE A 87 -23.29 -36.27 -0.75
C ILE A 87 -23.50 -37.60 -1.50
N ASN A 88 -22.66 -37.86 -2.50
CA ASN A 88 -22.76 -39.09 -3.33
C ASN A 88 -24.21 -39.29 -3.79
N ASN A 89 -24.80 -38.18 -4.20
CA ASN A 89 -26.14 -38.12 -4.78
C ASN A 89 -27.25 -38.47 -3.78
N LYS A 90 -26.94 -38.51 -2.51
CA LYS A 90 -27.94 -38.68 -1.44
C LYS A 90 -28.33 -37.27 -0.96
N LYS A 91 -29.59 -36.87 -1.16
CA LYS A 91 -30.03 -35.55 -0.65
C LYS A 91 -29.91 -35.47 0.89
N LEU A 92 -29.35 -34.38 1.46
CA LEU A 92 -29.27 -34.13 2.87
C LEU A 92 -30.28 -33.10 3.26
N VAL A 93 -30.89 -33.27 4.44
CA VAL A 93 -31.99 -32.44 4.86
C VAL A 93 -31.65 -31.64 6.14
N GLU A 94 -32.10 -30.38 6.18
CA GLU A 94 -31.82 -29.50 7.27
C GLU A 94 -32.44 -30.04 8.53
N GLY A 95 -31.71 -30.05 9.63
CA GLY A 95 -32.21 -30.63 10.93
C GLY A 95 -32.01 -32.12 11.05
N GLU A 96 -31.73 -32.82 9.96
CA GLU A 96 -31.60 -34.24 10.02
C GLU A 96 -30.18 -34.65 9.73
N GLU A 97 -29.63 -34.19 8.61
CA GLU A 97 -28.24 -34.50 8.29
C GLU A 97 -27.31 -33.25 8.37
N TYR A 98 -27.85 -32.05 8.36
CA TYR A 98 -27.04 -30.84 8.36
C TYR A 98 -27.74 -29.74 9.12
N THR A 99 -26.96 -28.78 9.56
CA THR A 99 -27.50 -27.48 9.98
C THR A 99 -26.83 -26.37 9.24
N TYR A 100 -27.58 -25.29 9.03
CA TYR A 100 -26.98 -24.06 8.44
C TYR A 100 -27.47 -22.81 9.16
N ASP A 101 -26.55 -21.98 9.62
CA ASP A 101 -26.88 -20.79 10.41
C ASP A 101 -26.56 -19.49 9.68
N ASN A 102 -26.48 -19.52 8.36
CA ASN A 102 -26.04 -18.39 7.56
C ASN A 102 -24.56 -18.04 7.56
N GLU A 103 -23.78 -18.78 8.28
CA GLU A 103 -22.33 -18.69 8.32
C GLU A 103 -21.56 -20.03 8.11
N PHE A 104 -22.03 -21.10 8.73
CA PHE A 104 -21.41 -22.39 8.70
C PHE A 104 -22.48 -23.45 8.39
N LEU A 105 -22.13 -24.33 7.47
CA LEU A 105 -22.90 -25.53 7.13
C LEU A 105 -22.20 -26.68 7.79
N THR A 106 -22.95 -27.37 8.68
CA THR A 106 -22.41 -28.50 9.43
C THR A 106 -23.07 -29.74 8.94
N ILE A 107 -22.29 -30.67 8.41
CA ILE A 107 -22.79 -31.99 8.02
C ILE A 107 -22.42 -32.90 9.17
N PHE A 108 -23.42 -33.50 9.87
CA PHE A 108 -23.07 -34.37 10.97
C PHE A 108 -22.22 -35.59 10.56
N SER A 109 -21.28 -35.93 11.45
CA SER A 109 -20.28 -36.95 11.12
C SER A 109 -20.79 -38.32 10.58
N LYS A 110 -21.92 -38.80 11.09
CA LYS A 110 -22.53 -40.01 10.50
C LYS A 110 -22.79 -40.03 9.06
N PHE A 111 -22.98 -38.85 8.46
CA PHE A 111 -23.25 -38.72 7.07
C PHE A 111 -22.07 -38.27 6.23
N VAL A 112 -20.92 -38.17 6.86
CA VAL A 112 -19.67 -37.86 6.21
C VAL A 112 -18.96 -39.14 5.84
N PRO A 113 -18.79 -39.40 4.57
CA PRO A 113 -18.14 -40.64 4.14
C PRO A 113 -16.73 -40.81 4.65
N LYS A 114 -16.27 -42.05 4.72
CA LYS A 114 -14.92 -42.32 5.17
C LYS A 114 -13.82 -42.47 4.10
N SER A 115 -14.17 -42.36 2.85
CA SER A 115 -13.18 -42.26 1.80
C SER A 115 -13.70 -41.27 0.73
N LYS A 116 -13.05 -41.23 -0.39
CA LYS A 116 -13.42 -40.27 -1.43
C LYS A 116 -14.94 -40.11 -1.62
N PHE A 117 -15.43 -38.86 -1.67
CA PHE A 117 -16.85 -38.58 -1.87
C PHE A 117 -17.06 -37.29 -2.64
N ALA A 118 -18.27 -37.14 -3.16
CA ALA A 118 -18.70 -35.96 -3.93
C ALA A 118 -19.70 -35.19 -3.11
N PHE A 119 -19.39 -33.93 -2.83
CA PHE A 119 -20.32 -33.03 -2.17
C PHE A 119 -20.90 -32.07 -3.18
N SER A 120 -22.23 -31.98 -3.26
CA SER A 120 -22.95 -31.15 -4.20
C SER A 120 -23.77 -30.13 -3.42
N SER A 121 -23.69 -28.87 -3.84
CA SER A 121 -24.64 -27.85 -3.37
C SER A 121 -25.08 -26.98 -4.53
N GLU A 122 -26.29 -26.42 -4.38
CA GLU A 122 -26.81 -25.40 -5.26
C GLU A 122 -27.32 -24.29 -4.40
N VAL A 123 -26.85 -23.06 -4.63
CA VAL A 123 -27.26 -21.93 -3.81
C VAL A 123 -27.61 -20.78 -4.73
N ILE A 124 -28.33 -19.84 -4.16
CA ILE A 124 -28.69 -18.59 -4.83
C ILE A 124 -28.04 -17.40 -4.06
N ILE A 125 -27.43 -16.54 -4.85
CA ILE A 125 -26.76 -15.31 -4.40
C ILE A 125 -27.20 -14.16 -5.29
N HIS A 126 -26.83 -12.94 -4.88
CA HIS A 126 -27.42 -11.73 -5.49
C HIS A 126 -26.38 -10.66 -5.68
N PRO A 127 -25.55 -10.80 -6.75
CA PRO A 127 -24.49 -9.80 -7.01
C PRO A 127 -25.01 -8.38 -7.13
N GLU A 128 -26.21 -8.27 -7.70
CA GLU A 128 -26.82 -6.95 -7.94
C GLU A 128 -27.10 -6.13 -6.69
N THR A 129 -27.13 -6.74 -5.50
CA THR A 129 -27.30 -6.04 -4.21
C THR A 129 -26.08 -6.17 -3.30
N ASN A 130 -24.96 -6.64 -3.82
CA ASN A 130 -23.78 -6.89 -2.99
C ASN A 130 -22.94 -5.60 -3.06
N TYR A 131 -23.19 -4.67 -2.13
CA TYR A 131 -22.44 -3.44 -2.12
C TYR A 131 -21.21 -3.43 -1.28
N ALA A 132 -20.87 -4.60 -0.73
CA ALA A 132 -19.70 -4.76 0.11
C ALA A 132 -18.50 -5.09 -0.72
N LEU A 133 -18.72 -5.52 -1.99
CA LEU A 133 -17.69 -5.69 -3.01
C LEU A 133 -16.79 -6.82 -2.61
N THR A 134 -17.40 -7.82 -1.94
CA THR A 134 -16.66 -9.02 -1.59
C THR A 134 -17.57 -10.20 -1.93
N GLY A 135 -17.02 -11.27 -2.42
CA GLY A 135 -17.82 -12.31 -3.04
C GLY A 135 -18.11 -11.97 -4.51
N LEU A 136 -19.30 -12.28 -4.99
CA LEU A 136 -19.71 -11.93 -6.36
C LEU A 136 -20.60 -10.70 -6.33
N TYR A 137 -20.22 -9.67 -7.13
CA TYR A 137 -20.91 -8.38 -7.10
C TYR A 137 -20.98 -7.71 -8.42
N LYS A 138 -21.85 -6.72 -8.51
CA LYS A 138 -22.00 -5.92 -9.70
C LYS A 138 -21.34 -4.58 -9.54
N SER A 139 -20.48 -4.24 -10.48
CA SER A 139 -19.82 -2.96 -10.57
C SER A 139 -20.22 -2.30 -11.87
N LYS A 140 -21.13 -1.37 -11.78
CA LYS A 140 -21.74 -0.80 -12.96
C LYS A 140 -22.43 -1.87 -13.77
N ASN A 141 -22.02 -2.12 -14.95
CA ASN A 141 -22.65 -3.20 -15.69
C ASN A 141 -21.75 -4.44 -15.80
N ILE A 142 -20.73 -4.58 -14.94
CA ILE A 142 -19.87 -5.76 -14.94
C ILE A 142 -20.16 -6.59 -13.67
N ILE A 143 -20.31 -7.89 -13.85
CA ILE A 143 -20.35 -8.81 -12.71
C ILE A 143 -18.90 -9.28 -12.46
N VAL A 144 -18.44 -9.16 -11.22
CA VAL A 144 -17.05 -9.51 -10.85
C VAL A 144 -16.98 -10.10 -9.45
N SER A 145 -15.95 -10.90 -9.21
CA SER A 145 -15.70 -11.42 -7.90
C SER A 145 -14.52 -10.81 -7.20
N GLN A 146 -14.55 -10.88 -5.86
CA GLN A 146 -13.38 -10.66 -5.03
C GLN A 146 -13.43 -11.64 -3.91
N CYS A 147 -12.52 -12.61 -3.94
CA CYS A 147 -12.55 -13.70 -2.94
C CYS A 147 -11.51 -13.56 -1.82
N GLU A 148 -10.36 -12.94 -2.02
CA GLU A 148 -9.43 -12.80 -0.88
C GLU A 148 -10.03 -11.74 0.12
N ALA A 149 -9.99 -11.96 1.42
CA ALA A 149 -9.56 -13.24 2.06
C ALA A 149 -10.69 -14.29 2.25
N THR A 150 -11.86 -13.81 2.60
CA THR A 150 -13.03 -14.65 3.01
C THR A 150 -14.24 -14.49 2.10
N GLY A 151 -14.04 -14.09 0.86
CA GLY A 151 -15.13 -13.84 -0.05
C GLY A 151 -15.62 -15.07 -0.77
N PHE A 152 -14.81 -16.14 -0.97
CA PHE A 152 -15.31 -17.30 -1.72
C PHE A 152 -16.53 -17.93 -1.01
N ARG A 153 -16.51 -17.89 0.32
CA ARG A 153 -17.63 -18.43 1.11
C ARG A 153 -18.92 -17.67 0.89
N ARG A 154 -18.86 -16.46 0.32
CA ARG A 154 -20.08 -15.73 -0.05
C ARG A 154 -20.57 -16.06 -1.46
N ILE A 155 -19.88 -16.98 -2.15
CA ILE A 155 -20.27 -17.43 -3.46
C ILE A 155 -20.86 -18.87 -3.34
N THR A 156 -20.14 -19.74 -2.65
CA THR A 156 -20.57 -21.13 -2.46
C THR A 156 -19.90 -21.70 -1.20
N PHE A 157 -20.33 -22.89 -0.75
CA PHE A 157 -19.72 -23.50 0.41
C PHE A 157 -18.31 -24.00 0.16
N PHE A 158 -17.42 -23.82 1.14
CA PHE A 158 -16.06 -24.29 1.03
C PHE A 158 -15.44 -24.31 2.40
N ILE A 159 -14.33 -25.03 2.54
CA ILE A 159 -13.45 -24.92 3.71
C ILE A 159 -12.50 -23.82 3.32
N ASP A 160 -12.93 -22.58 3.61
CA ASP A 160 -12.40 -21.35 3.00
C ASP A 160 -11.21 -20.90 3.79
N ARG A 161 -10.11 -21.56 3.55
CA ARG A 161 -8.81 -21.27 4.15
C ARG A 161 -7.69 -21.70 3.16
N PRO A 162 -6.52 -21.02 3.17
CA PRO A 162 -5.67 -21.07 2.01
C PRO A 162 -4.88 -22.33 1.89
N ASP A 163 -4.89 -23.18 2.91
CA ASP A 163 -4.27 -24.49 2.78
C ASP A 163 -5.12 -25.58 2.09
N MET A 164 -6.33 -25.22 1.67
CA MET A 164 -7.24 -26.17 1.00
C MET A 164 -7.11 -25.98 -0.49
N MET A 165 -6.08 -26.60 -1.06
CA MET A 165 -5.76 -26.36 -2.45
C MET A 165 -6.43 -27.42 -3.33
N ALA A 166 -6.92 -26.95 -4.50
CA ALA A 166 -7.74 -27.73 -5.39
C ALA A 166 -7.63 -27.26 -6.83
N LYS A 167 -8.11 -28.07 -7.80
CA LYS A 167 -8.19 -27.66 -9.18
C LYS A 167 -9.58 -27.36 -9.60
N TYR A 168 -9.74 -26.35 -10.45
CA TYR A 168 -11.00 -25.75 -10.71
C TYR A 168 -11.47 -25.88 -12.17
N ASP A 169 -12.73 -26.29 -12.37
CA ASP A 169 -13.45 -26.36 -13.69
C ASP A 169 -14.69 -25.48 -13.56
N VAL A 170 -14.73 -24.35 -14.27
CA VAL A 170 -15.72 -23.30 -14.03
C VAL A 170 -16.48 -23.04 -15.28
N THR A 171 -17.82 -23.15 -15.22
CA THR A 171 -18.70 -22.78 -16.31
C THR A 171 -19.47 -21.55 -15.85
N VAL A 172 -19.49 -20.52 -16.70
CA VAL A 172 -20.29 -19.32 -16.44
C VAL A 172 -21.30 -19.17 -17.55
N THR A 173 -22.56 -18.90 -17.20
CA THR A 173 -23.58 -18.59 -18.19
C THR A 173 -24.27 -17.26 -17.88
N ALA A 174 -24.78 -16.65 -18.93
CA ALA A 174 -25.40 -15.30 -18.78
C ALA A 174 -26.10 -14.93 -20.08
N ASP A 175 -26.90 -13.87 -19.99
CA ASP A 175 -27.46 -13.21 -21.17
C ASP A 175 -26.36 -12.71 -22.09
N LYS A 176 -26.41 -13.10 -23.36
CA LYS A 176 -25.36 -12.77 -24.28
C LYS A 176 -25.22 -11.28 -24.63
N GLU A 177 -26.35 -10.60 -24.81
CA GLU A 177 -26.37 -9.15 -25.14
C GLU A 177 -25.75 -8.31 -24.01
N LYS A 178 -26.14 -8.59 -22.78
CA LYS A 178 -25.67 -7.84 -21.63
C LYS A 178 -24.23 -8.21 -21.23
N TYR A 179 -23.92 -9.52 -21.33
CA TYR A 179 -22.67 -10.09 -20.83
C TYR A 179 -21.95 -10.90 -21.87
N PRO A 180 -21.51 -10.23 -22.98
CA PRO A 180 -20.83 -10.99 -24.03
C PRO A 180 -19.47 -11.58 -23.76
N VAL A 181 -18.76 -11.02 -22.75
CA VAL A 181 -17.45 -11.53 -22.39
C VAL A 181 -17.54 -12.18 -21.00
N LEU A 182 -17.17 -13.46 -21.01
CA LEU A 182 -17.16 -14.30 -19.81
C LEU A 182 -15.78 -14.81 -19.57
N LEU A 183 -15.25 -14.58 -18.38
CA LEU A 183 -13.91 -14.99 -18.01
C LEU A 183 -13.91 -15.72 -16.64
N SER A 184 -13.10 -16.74 -16.55
CA SER A 184 -12.64 -17.29 -15.29
C SER A 184 -11.20 -17.73 -15.36
N ASN A 185 -10.66 -18.28 -14.27
CA ASN A 185 -9.25 -18.58 -14.29
C ASN A 185 -8.88 -19.68 -15.29
N GLY A 186 -7.77 -19.47 -16.01
CA GLY A 186 -7.17 -20.53 -16.77
C GLY A 186 -7.67 -20.59 -18.23
N ASP A 187 -7.47 -21.74 -18.82
CA ASP A 187 -7.76 -22.02 -20.24
C ASP A 187 -9.26 -22.02 -20.53
N LYS A 188 -9.71 -21.30 -21.55
CA LYS A 188 -11.10 -21.36 -21.99
C LYS A 188 -11.22 -22.60 -22.89
N VAL A 189 -11.94 -23.60 -22.46
CA VAL A 189 -11.97 -24.90 -23.14
C VAL A 189 -13.21 -25.10 -23.98
N ASN A 190 -14.23 -24.29 -23.81
CA ASN A 190 -15.47 -24.38 -24.61
C ASN A 190 -16.28 -23.09 -24.47
N GLU A 191 -17.03 -22.80 -25.51
CA GLU A 191 -18.00 -21.71 -25.53
C GLU A 191 -19.23 -22.21 -26.28
N PHE A 192 -20.42 -21.89 -25.81
CA PHE A 192 -21.64 -22.46 -26.32
C PHE A 192 -22.83 -21.57 -26.16
N GLU A 193 -23.74 -21.68 -27.12
CA GLU A 193 -25.05 -21.00 -27.03
C GLU A 193 -26.02 -21.78 -26.18
N ILE A 194 -26.94 -21.03 -25.58
CA ILE A 194 -27.97 -21.54 -24.69
C ILE A 194 -29.28 -20.93 -25.13
N PRO A 195 -30.37 -21.73 -25.17
CA PRO A 195 -31.68 -21.10 -25.56
C PRO A 195 -32.11 -19.87 -24.75
N GLY A 196 -32.84 -18.97 -25.37
CA GLY A 196 -33.33 -17.74 -24.73
C GLY A 196 -32.33 -16.58 -24.66
N GLY A 197 -31.36 -16.58 -25.57
CA GLY A 197 -30.41 -15.52 -25.79
C GLY A 197 -29.27 -15.53 -24.76
N ARG A 198 -29.05 -16.67 -24.16
CA ARG A 198 -27.93 -16.88 -23.22
C ARG A 198 -26.76 -17.54 -23.88
N HIS A 199 -25.62 -17.57 -23.15
CA HIS A 199 -24.45 -18.29 -23.64
C HIS A 199 -23.61 -18.65 -22.45
N GLY A 200 -22.68 -19.52 -22.70
CA GLY A 200 -21.76 -20.05 -21.69
C GLY A 200 -20.35 -20.18 -22.14
N ALA A 201 -19.44 -20.23 -21.14
CA ALA A 201 -18.06 -20.47 -21.41
C ALA A 201 -17.53 -21.32 -20.25
N ARG A 202 -16.69 -22.29 -20.58
CA ARG A 202 -16.08 -23.17 -19.60
C ARG A 202 -14.57 -22.95 -19.54
N PHE A 203 -14.03 -22.91 -18.29
CA PHE A 203 -12.61 -22.67 -17.95
C PHE A 203 -12.03 -23.83 -17.20
N ASN A 204 -10.81 -24.18 -17.51
CA ASN A 204 -10.02 -25.14 -16.71
C ASN A 204 -8.74 -24.55 -16.24
N ASP A 205 -8.56 -24.44 -14.93
CA ASP A 205 -7.30 -23.94 -14.38
C ASP A 205 -6.49 -25.11 -13.87
N PRO A 206 -5.43 -25.45 -14.61
CA PRO A 206 -4.64 -26.64 -14.27
C PRO A 206 -3.76 -26.48 -13.01
N HIS A 207 -3.59 -25.27 -12.49
CA HIS A 207 -2.73 -25.07 -11.32
C HIS A 207 -3.55 -25.22 -10.04
N LEU A 208 -3.05 -26.07 -9.12
CA LEU A 208 -3.68 -26.20 -7.78
C LEU A 208 -3.70 -24.84 -7.16
N LYS A 209 -4.81 -24.48 -6.53
CA LYS A 209 -4.92 -23.17 -5.83
C LYS A 209 -5.84 -23.17 -4.70
N PRO A 210 -5.60 -22.29 -3.74
CA PRO A 210 -6.62 -21.94 -2.74
C PRO A 210 -7.80 -21.17 -3.35
N CYS A 211 -8.91 -21.16 -2.63
CA CYS A 211 -10.13 -20.58 -3.14
C CYS A 211 -10.06 -19.04 -3.20
N TYR A 212 -9.14 -18.45 -2.44
CA TYR A 212 -9.03 -16.97 -2.50
C TYR A 212 -8.54 -16.45 -3.86
N LEU A 213 -8.02 -17.35 -4.72
CA LEU A 213 -7.51 -16.97 -6.02
C LEU A 213 -8.53 -17.29 -7.15
N PHE A 214 -9.72 -17.82 -6.81
CA PHE A 214 -10.78 -17.94 -7.77
C PHE A 214 -11.27 -16.57 -8.20
N ALA A 215 -11.58 -16.44 -9.50
CA ALA A 215 -12.26 -15.23 -10.06
C ALA A 215 -13.14 -15.53 -11.21
N VAL A 216 -14.18 -14.70 -11.35
CA VAL A 216 -15.02 -14.74 -12.56
C VAL A 216 -15.38 -13.29 -12.88
N VAL A 217 -15.53 -13.02 -14.17
CA VAL A 217 -15.98 -11.71 -14.64
C VAL A 217 -16.99 -11.94 -15.79
N ALA A 218 -18.04 -11.12 -15.87
CA ALA A 218 -18.96 -11.16 -16.96
C ALA A 218 -19.31 -9.73 -17.31
N GLY A 219 -19.15 -9.36 -18.56
CA GLY A 219 -19.47 -7.99 -18.92
C GLY A 219 -19.41 -7.71 -20.40
N ASP A 220 -19.81 -6.49 -20.76
CA ASP A 220 -19.62 -5.98 -22.12
C ASP A 220 -18.25 -5.30 -22.23
N LEU A 221 -17.21 -6.09 -22.19
CA LEU A 221 -15.87 -5.55 -22.09
C LEU A 221 -15.19 -5.44 -23.44
N LYS A 222 -14.35 -4.44 -23.59
CA LYS A 222 -13.46 -4.27 -24.74
C LYS A 222 -12.05 -4.48 -24.30
N HIS A 223 -11.18 -4.79 -25.25
CA HIS A 223 -9.82 -5.11 -24.92
C HIS A 223 -8.77 -4.62 -25.83
N LEU A 224 -7.54 -4.58 -25.31
CA LEU A 224 -6.30 -4.56 -26.15
C LEU A 224 -5.55 -5.84 -25.85
N SER A 225 -4.79 -6.35 -26.82
CA SER A 225 -4.05 -7.57 -26.60
C SER A 225 -2.70 -7.52 -27.26
N ALA A 226 -1.81 -8.41 -26.81
CA ALA A 226 -0.50 -8.57 -27.43
C ALA A 226 -0.02 -9.96 -27.12
N THR A 227 0.98 -10.40 -27.84
CA THR A 227 1.60 -11.65 -27.58
C THR A 227 2.98 -11.43 -26.99
N TYR A 228 3.30 -12.12 -25.92
CA TYR A 228 4.58 -12.09 -25.26
C TYR A 228 5.25 -13.48 -25.37
N ILE A 229 6.51 -13.49 -25.74
CA ILE A 229 7.27 -14.73 -25.85
C ILE A 229 8.24 -14.84 -24.70
N THR A 230 8.13 -15.93 -23.90
CA THR A 230 8.92 -16.02 -22.67
C THR A 230 10.40 -16.21 -23.01
N LYS A 231 11.23 -15.73 -22.10
CA LYS A 231 12.65 -15.51 -22.39
C LYS A 231 13.40 -16.82 -22.56
N TYR A 232 13.11 -17.82 -21.73
CA TYR A 232 13.93 -19.05 -21.62
C TYR A 232 13.37 -20.21 -22.39
N THR A 233 12.09 -20.46 -22.21
CA THR A 233 11.39 -21.56 -22.85
C THR A 233 10.62 -21.16 -24.12
N LYS A 234 10.58 -19.86 -24.42
CA LYS A 234 9.87 -19.32 -25.61
C LYS A 234 8.39 -19.69 -25.72
N LYS A 235 7.72 -19.70 -24.59
CA LYS A 235 6.29 -20.00 -24.53
C LYS A 235 5.55 -18.74 -25.03
N LYS A 236 4.57 -18.93 -25.92
CA LYS A 236 3.76 -17.79 -26.37
C LYS A 236 2.65 -17.57 -25.39
N VAL A 237 2.57 -16.32 -24.88
CA VAL A 237 1.55 -15.99 -23.91
C VAL A 237 0.69 -14.88 -24.52
N GLU A 238 -0.61 -15.03 -24.45
CA GLU A 238 -1.51 -14.03 -24.95
C GLU A 238 -1.91 -13.15 -23.78
N LEU A 239 -1.64 -11.86 -23.92
CA LEU A 239 -1.91 -10.84 -22.90
C LEU A 239 -3.13 -10.04 -23.38
N TYR A 240 -4.10 -10.01 -22.53
CA TYR A 240 -5.41 -9.22 -22.71
C TYR A 240 -5.56 -8.23 -21.53
N VAL A 241 -5.93 -7.00 -21.86
CA VAL A 241 -6.37 -6.02 -20.87
C VAL A 241 -7.75 -5.51 -21.19
N PHE A 242 -8.63 -5.50 -20.21
CA PHE A 242 -10.07 -5.23 -20.44
C PHE A 242 -10.62 -4.07 -19.66
N SER A 243 -11.56 -3.34 -20.26
CA SER A 243 -12.33 -2.32 -19.56
C SER A 243 -13.72 -2.23 -20.18
N GLU A 244 -14.59 -1.46 -19.55
CA GLU A 244 -15.80 -1.00 -20.20
C GLU A 244 -15.46 -0.18 -21.48
N GLU A 245 -16.38 -0.21 -22.42
CA GLU A 245 -16.13 0.37 -23.75
C GLU A 245 -15.70 1.84 -23.69
N LYS A 246 -16.34 2.65 -22.85
CA LYS A 246 -16.03 4.08 -22.74
C LYS A 246 -14.54 4.35 -22.52
N TYR A 247 -13.87 3.44 -21.82
CA TYR A 247 -12.50 3.65 -21.42
C TYR A 247 -11.45 2.74 -22.02
N VAL A 248 -11.79 2.07 -23.13
CA VAL A 248 -10.84 1.20 -23.80
C VAL A 248 -9.54 1.95 -24.22
N SER A 249 -9.69 3.24 -24.52
CA SER A 249 -8.56 4.12 -24.91
C SER A 249 -7.55 4.31 -23.79
N LYS A 250 -7.89 3.82 -22.60
CA LYS A 250 -7.06 4.10 -21.40
C LYS A 250 -6.30 2.82 -20.96
N LEU A 251 -6.30 1.80 -21.81
CA LEU A 251 -5.69 0.52 -21.45
C LEU A 251 -4.21 0.34 -21.82
N GLN A 252 -3.65 1.20 -22.68
CA GLN A 252 -2.39 0.87 -23.27
C GLN A 252 -1.23 0.83 -22.28
N TRP A 253 -1.16 1.79 -21.38
CA TRP A 253 -0.02 1.84 -20.47
C TRP A 253 -0.04 0.59 -19.59
N ALA A 254 -1.24 0.15 -19.17
CA ALA A 254 -1.26 -1.12 -18.37
C ALA A 254 -0.65 -2.27 -19.10
N LEU A 255 -1.03 -2.42 -20.36
CA LEU A 255 -0.42 -3.52 -21.18
C LEU A 255 1.09 -3.43 -21.25
N GLU A 256 1.60 -2.22 -21.49
CA GLU A 256 3.02 -2.02 -21.49
C GLU A 256 3.61 -2.39 -20.12
N CYS A 257 2.99 -1.98 -19.03
CA CYS A 257 3.52 -2.26 -17.72
C CYS A 257 3.52 -3.77 -17.46
N LEU A 258 2.53 -4.48 -17.97
CA LEU A 258 2.51 -5.93 -17.83
C LEU A 258 3.74 -6.54 -18.55
N LYS A 259 3.98 -6.12 -19.80
CA LYS A 259 5.19 -6.62 -20.49
C LYS A 259 6.50 -6.34 -19.69
N LYS A 260 6.61 -5.12 -19.15
CA LYS A 260 7.75 -4.76 -18.31
C LYS A 260 7.91 -5.63 -17.09
N SER A 261 6.79 -5.94 -16.46
CA SER A 261 6.73 -6.81 -15.24
C SER A 261 7.18 -8.19 -15.61
N MET A 262 6.68 -8.71 -16.74
CA MET A 262 7.09 -10.06 -17.13
C MET A 262 8.59 -10.15 -17.39
N ALA A 263 9.13 -9.13 -18.11
CA ALA A 263 10.54 -9.11 -18.46
C ALA A 263 11.39 -8.99 -17.20
N PHE A 264 10.96 -8.19 -16.22
CA PHE A 264 11.69 -8.02 -15.00
C PHE A 264 11.76 -9.31 -14.23
N ASP A 265 10.62 -10.01 -14.07
CA ASP A 265 10.70 -11.28 -13.28
C ASP A 265 11.59 -12.30 -14.00
N GLU A 266 11.62 -12.26 -15.35
CA GLU A 266 12.53 -13.15 -16.14
C GLU A 266 14.01 -12.80 -15.88
N ASP A 267 14.30 -11.52 -15.97
CA ASP A 267 15.65 -10.99 -15.98
C ASP A 267 16.27 -11.05 -14.58
N TYR A 268 15.55 -10.67 -13.55
CA TYR A 268 16.08 -10.62 -12.17
C TYR A 268 15.92 -11.94 -11.50
N PHE A 269 14.76 -12.59 -11.62
CA PHE A 269 14.43 -13.76 -10.80
C PHE A 269 14.41 -15.07 -11.57
N GLY A 270 14.55 -15.01 -12.89
CA GLY A 270 14.44 -16.18 -13.74
C GLY A 270 13.09 -16.87 -13.78
N LEU A 271 12.03 -16.09 -13.56
CA LEU A 271 10.69 -16.63 -13.43
C LEU A 271 9.85 -16.29 -14.64
N GLU A 272 9.34 -17.35 -15.28
CA GLU A 272 8.42 -17.22 -16.42
C GLU A 272 6.96 -17.47 -16.09
N TYR A 273 6.11 -16.74 -16.82
CA TYR A 273 4.68 -16.99 -16.71
C TYR A 273 4.31 -18.44 -17.13
N ASP A 274 3.19 -18.93 -16.61
CA ASP A 274 2.89 -20.40 -16.58
C ASP A 274 1.54 -20.81 -17.11
N LEU A 275 0.86 -19.89 -17.81
CA LEU A 275 -0.33 -20.20 -18.52
C LEU A 275 -0.20 -19.63 -19.94
N SER A 276 -1.08 -20.08 -20.83
CA SER A 276 -1.11 -19.55 -22.22
C SER A 276 -1.71 -18.16 -22.33
N ARG A 277 -2.43 -17.73 -21.34
CA ARG A 277 -3.10 -16.47 -21.38
C ARG A 277 -3.08 -15.83 -20.02
N LEU A 278 -2.95 -14.51 -20.08
CA LEU A 278 -3.07 -13.59 -18.72
C LEU A 278 -4.05 -12.46 -19.03
N ASN A 279 -5.12 -12.35 -18.28
CA ASN A 279 -6.11 -11.29 -18.48
C ASN A 279 -5.98 -10.30 -17.33
N LEU A 280 -6.03 -8.96 -17.62
CA LEU A 280 -6.18 -7.98 -16.59
C LEU A 280 -7.50 -7.25 -16.87
N VAL A 281 -8.33 -7.02 -15.84
CA VAL A 281 -9.68 -6.43 -16.01
C VAL A 281 -9.85 -5.24 -15.04
N ALA A 282 -10.24 -4.07 -15.58
CA ALA A 282 -10.58 -2.90 -14.75
C ALA A 282 -12.06 -2.90 -14.39
N VAL A 283 -12.37 -2.68 -13.11
CA VAL A 283 -13.77 -2.42 -12.66
C VAL A 283 -13.82 -1.14 -11.85
N SER A 284 -14.93 -0.42 -11.95
CA SER A 284 -15.10 0.88 -11.31
C SER A 284 -15.16 0.81 -9.76
N ASP A 285 -15.71 -0.28 -9.21
CA ASP A 285 -16.05 -0.38 -7.77
C ASP A 285 -15.19 -1.48 -7.17
N PHE A 286 -14.16 -1.07 -6.44
CA PHE A 286 -13.20 -2.04 -5.90
C PHE A 286 -12.65 -1.53 -4.61
N ASN A 287 -12.54 -2.42 -3.63
CA ASN A 287 -12.18 -1.94 -2.26
C ASN A 287 -10.79 -1.48 -2.05
N VAL A 288 -9.83 -1.99 -2.84
CA VAL A 288 -8.45 -1.70 -2.67
C VAL A 288 -7.84 -1.45 -4.10
N GLY A 289 -6.60 -1.80 -4.38
CA GLY A 289 -5.94 -1.49 -5.65
C GLY A 289 -6.21 -2.54 -6.75
N ALA A 290 -5.95 -3.81 -6.41
CA ALA A 290 -6.09 -4.90 -7.36
C ALA A 290 -5.83 -6.21 -6.71
N MET A 291 -6.07 -7.28 -7.46
CA MET A 291 -6.09 -8.66 -6.92
C MET A 291 -5.50 -9.64 -7.90
N GLU A 292 -4.67 -10.55 -7.39
CA GLU A 292 -3.85 -11.44 -8.21
C GLU A 292 -4.46 -12.79 -8.63
N ASN A 293 -5.78 -12.82 -8.86
CA ASN A 293 -6.44 -14.14 -9.22
C ASN A 293 -5.66 -14.74 -10.38
N LYS A 294 -5.42 -16.05 -10.30
CA LYS A 294 -4.54 -16.69 -11.29
C LYS A 294 -5.04 -16.51 -12.71
N GLY A 295 -4.21 -15.91 -13.54
CA GLY A 295 -4.56 -15.70 -14.93
C GLY A 295 -5.64 -14.64 -15.17
N LEU A 296 -6.16 -13.99 -14.13
CA LEU A 296 -7.34 -13.10 -14.21
C LEU A 296 -7.24 -12.06 -13.11
N ASN A 297 -6.25 -11.18 -13.24
CA ASN A 297 -6.00 -10.13 -12.23
C ASN A 297 -7.09 -9.08 -12.43
N ILE A 298 -7.70 -8.65 -11.34
CA ILE A 298 -8.81 -7.68 -11.36
C ILE A 298 -8.37 -6.44 -10.60
N PHE A 299 -8.62 -5.30 -11.20
CA PHE A 299 -8.08 -4.01 -10.72
C PHE A 299 -9.14 -3.00 -10.46
N ASN A 300 -8.95 -2.20 -9.42
CA ASN A 300 -9.61 -0.89 -9.37
C ASN A 300 -9.24 -0.18 -10.66
N ALA A 301 -10.21 0.40 -11.36
CA ALA A 301 -9.90 1.16 -12.54
C ALA A 301 -8.87 2.27 -12.31
N ASN A 302 -8.80 2.83 -11.11
CA ASN A 302 -7.79 3.87 -10.84
C ASN A 302 -6.38 3.36 -10.83
N SER A 303 -6.23 2.05 -10.85
CA SER A 303 -4.91 1.40 -10.82
C SER A 303 -4.60 0.60 -12.11
N LEU A 304 -5.44 0.74 -13.14
CA LEU A 304 -5.20 0.14 -14.44
C LEU A 304 -5.35 1.14 -15.61
N LEU A 305 -6.22 2.12 -15.47
CA LEU A 305 -6.61 3.00 -16.59
C LEU A 305 -5.98 4.35 -16.53
N ALA A 306 -5.37 4.80 -17.64
CA ALA A 306 -4.91 6.16 -17.78
C ALA A 306 -4.83 6.62 -19.23
N SER A 307 -4.93 7.94 -19.41
CA SER A 307 -4.50 8.50 -20.72
C SER A 307 -3.85 9.85 -20.37
N LYS A 308 -2.93 10.32 -21.20
CA LYS A 308 -2.14 11.51 -20.82
C LYS A 308 -3.00 12.76 -20.83
N LYS A 309 -4.09 12.79 -21.59
CA LYS A 309 -4.91 14.01 -21.59
C LYS A 309 -5.90 13.97 -20.40
N ASN A 310 -6.09 12.80 -19.76
CA ASN A 310 -7.16 12.58 -18.79
C ASN A 310 -6.78 12.02 -17.49
N SER A 311 -5.49 11.97 -17.23
CA SER A 311 -4.97 11.41 -16.00
C SER A 311 -3.88 12.32 -15.49
N ILE A 312 -3.74 12.45 -14.17
CA ILE A 312 -2.54 13.08 -13.59
C ILE A 312 -1.32 12.14 -13.67
N ASP A 313 -0.14 12.71 -13.56
CA ASP A 313 1.13 12.00 -13.68
C ASP A 313 1.19 10.81 -12.73
N PHE A 314 0.75 11.03 -11.49
CA PHE A 314 0.82 9.99 -10.45
C PHE A 314 0.11 8.72 -10.87
N SER A 315 -0.89 8.82 -11.75
CA SER A 315 -1.53 7.59 -12.26
C SER A 315 -0.64 6.65 -12.91
N TYR A 316 0.31 7.13 -13.70
CA TYR A 316 1.28 6.28 -14.39
C TYR A 316 2.18 5.46 -13.51
N ALA A 317 2.66 6.07 -12.41
CA ALA A 317 3.38 5.39 -11.40
C ALA A 317 2.54 4.36 -10.71
N ARG A 318 1.33 4.70 -10.36
CA ARG A 318 0.45 3.81 -9.61
CA ARG A 318 0.47 3.79 -9.59
C ARG A 318 0.16 2.56 -10.44
N ILE A 319 -0.13 2.76 -11.74
CA ILE A 319 -0.45 1.60 -12.61
C ILE A 319 0.76 0.71 -12.73
N LEU A 320 1.95 1.31 -12.92
CA LEU A 320 3.15 0.53 -13.03
C LEU A 320 3.34 -0.35 -11.76
N THR A 321 3.15 0.23 -10.59
CA THR A 321 3.42 -0.52 -9.38
C THR A 321 2.32 -1.60 -9.18
N VAL A 322 1.08 -1.27 -9.45
CA VAL A 322 0.03 -2.23 -9.15
C VAL A 322 -0.01 -3.38 -10.15
N VAL A 323 0.19 -3.08 -11.44
CA VAL A 323 0.34 -4.18 -12.38
C VAL A 323 1.52 -5.07 -12.02
N GLY A 324 2.62 -4.46 -11.68
CA GLY A 324 3.81 -5.17 -11.28
C GLY A 324 3.47 -6.07 -10.07
N HIS A 325 2.91 -5.45 -9.08
CA HIS A 325 2.55 -6.18 -7.87
C HIS A 325 1.73 -7.42 -8.14
N GLU A 326 0.59 -7.27 -8.84
CA GLU A 326 -0.24 -8.45 -9.10
C GLU A 326 0.51 -9.49 -9.89
N TYR A 327 1.35 -9.06 -10.83
CA TYR A 327 2.09 -10.00 -11.67
C TYR A 327 3.09 -10.80 -10.84
N PHE A 328 3.76 -10.09 -9.92
CA PHE A 328 4.76 -10.73 -9.11
C PHE A 328 4.15 -11.74 -8.15
N HIS A 329 2.89 -11.53 -7.77
CA HIS A 329 2.21 -12.53 -6.95
C HIS A 329 2.10 -13.87 -7.69
N ASN A 330 2.25 -13.90 -9.03
CA ASN A 330 2.05 -15.20 -9.73
C ASN A 330 2.99 -16.28 -9.17
N TYR A 331 4.19 -15.85 -8.75
CA TYR A 331 5.04 -16.75 -7.91
C TYR A 331 4.91 -16.54 -6.42
N THR A 332 5.06 -15.30 -5.96
CA THR A 332 5.02 -15.04 -4.53
C THR A 332 3.59 -14.82 -4.03
N GLY A 333 2.87 -15.93 -3.88
CA GLY A 333 1.45 -15.92 -3.47
C GLY A 333 0.68 -17.04 -4.16
N ASN A 334 0.88 -17.18 -5.47
CA ASN A 334 0.13 -18.14 -6.28
C ASN A 334 0.85 -19.46 -6.37
N ARG A 335 1.97 -19.52 -7.08
CA ARG A 335 2.73 -20.77 -7.17
C ARG A 335 3.29 -21.24 -5.85
N VAL A 336 3.63 -20.30 -4.97
CA VAL A 336 3.87 -20.60 -3.58
C VAL A 336 2.88 -19.81 -2.80
N THR A 337 1.97 -20.47 -2.08
CA THR A 337 0.88 -19.77 -1.37
C THR A 337 1.08 -19.84 0.14
N LEU A 338 0.06 -19.45 0.90
CA LEU A 338 0.14 -19.35 2.38
C LEU A 338 -0.40 -20.58 3.06
N ARG A 339 0.25 -21.01 4.13
CA ARG A 339 -0.32 -22.10 4.94
C ARG A 339 -1.60 -21.61 5.66
N ASP A 340 -1.61 -20.37 6.11
CA ASP A 340 -2.69 -19.79 6.91
C ASP A 340 -2.53 -18.27 6.80
N TRP A 341 -3.53 -17.55 7.25
CA TRP A 341 -3.56 -16.08 7.05
C TRP A 341 -2.55 -15.35 7.92
N PHE A 342 -2.04 -16.01 8.98
CA PHE A 342 -1.05 -15.34 9.79
C PHE A 342 0.24 -15.18 8.98
N GLN A 343 0.43 -15.95 7.92
CA GLN A 343 1.56 -15.82 7.06
C GLN A 343 1.45 -14.69 5.95
N LEU A 344 0.41 -13.85 6.09
CA LEU A 344 0.08 -12.91 5.01
C LEU A 344 1.32 -12.17 4.48
N THR A 345 2.19 -11.72 5.41
CA THR A 345 3.39 -10.93 5.01
C THR A 345 4.32 -11.72 4.10
N LEU A 346 4.31 -13.05 4.18
CA LEU A 346 5.12 -13.88 3.30
C LEU A 346 4.78 -13.63 1.83
N LYS A 347 3.53 -13.39 1.49
CA LYS A 347 3.18 -13.05 0.16
C LYS A 347 3.11 -11.54 -0.06
N GLU A 348 2.57 -10.76 0.88
CA GLU A 348 2.43 -9.29 0.63
C GLU A 348 3.70 -8.53 0.85
N GLY A 349 4.41 -8.80 1.94
CA GLY A 349 5.70 -8.11 2.19
C GLY A 349 6.69 -8.44 1.08
N LEU A 350 6.71 -9.72 0.69
CA LEU A 350 7.65 -10.17 -0.33
C LEU A 350 7.29 -9.65 -1.73
N THR A 351 5.97 -9.55 -2.01
CA THR A 351 5.53 -9.04 -3.27
C THR A 351 5.76 -7.53 -3.36
N VAL A 352 5.52 -6.82 -2.28
CA VAL A 352 5.84 -5.34 -2.26
C VAL A 352 7.30 -5.09 -2.45
N HIS A 353 8.16 -5.91 -1.85
CA HIS A 353 9.62 -5.82 -2.09
C HIS A 353 9.97 -6.03 -3.58
N ARG A 354 9.37 -7.05 -4.18
CA ARG A 354 9.57 -7.34 -5.64
C ARG A 354 9.08 -6.14 -6.46
N GLU A 355 7.90 -5.62 -6.14
CA GLU A 355 7.27 -4.48 -6.84
C GLU A 355 8.20 -3.23 -6.70
N ASN A 356 8.78 -3.06 -5.52
CA ASN A 356 9.62 -1.87 -5.26
C ASN A 356 10.93 -1.97 -6.08
N LEU A 357 11.55 -3.14 -6.07
CA LEU A 357 12.74 -3.41 -6.92
C LEU A 357 12.41 -3.10 -8.41
N PHE A 358 11.26 -3.58 -8.83
CA PHE A 358 10.79 -3.35 -10.20
C PHE A 358 10.60 -1.87 -10.51
N SER A 359 9.94 -1.16 -9.61
CA SER A 359 9.61 0.27 -9.79
C SER A 359 10.91 1.06 -9.81
N GLU A 360 11.86 0.75 -8.90
CA GLU A 360 13.11 1.49 -8.88
C GLU A 360 13.84 1.31 -10.20
N GLU A 361 13.80 0.08 -10.73
CA GLU A 361 14.44 -0.26 -12.04
C GLU A 361 13.83 0.44 -13.20
N MET A 362 12.49 0.54 -13.22
CA MET A 362 11.80 1.07 -14.36
C MET A 362 11.87 2.60 -14.33
N THR A 363 11.80 3.24 -13.15
CA THR A 363 11.76 4.68 -13.14
C THR A 363 13.14 5.34 -13.21
N LYS A 364 14.14 4.67 -12.66
CA LYS A 364 15.55 5.11 -12.58
C LYS A 364 15.68 6.47 -11.92
N THR A 365 14.82 6.76 -10.97
CA THR A 365 14.83 8.04 -10.28
C THR A 365 15.00 7.82 -8.80
N VAL A 366 15.81 8.62 -8.12
CA VAL A 366 16.03 8.35 -6.66
C VAL A 366 14.77 8.56 -5.82
N THR A 367 13.84 9.39 -6.32
CA THR A 367 12.62 9.66 -5.61
C THR A 367 11.69 8.45 -5.44
N THR A 368 11.86 7.40 -6.23
CA THR A 368 11.10 6.21 -6.03
C THR A 368 11.31 5.55 -4.65
N ARG A 369 12.55 5.22 -4.36
CA ARG A 369 12.93 4.67 -3.08
C ARG A 369 12.59 5.68 -1.96
N LEU A 370 12.79 6.99 -2.19
CA LEU A 370 12.40 7.92 -1.12
C LEU A 370 10.93 7.95 -0.81
N SER A 371 10.12 7.84 -1.87
CA SER A 371 8.72 7.80 -1.70
C SER A 371 8.27 6.59 -0.81
N HIS A 372 8.93 5.43 -0.97
CA HIS A 372 8.60 4.22 -0.18
C HIS A 372 8.99 4.49 1.29
N VAL A 373 10.12 5.12 1.49
CA VAL A 373 10.59 5.44 2.84
C VAL A 373 9.66 6.44 3.50
N ASP A 374 9.21 7.46 2.75
CA ASP A 374 8.29 8.46 3.28
C ASP A 374 6.99 7.84 3.76
N LEU A 375 6.47 6.93 2.97
CA LEU A 375 5.25 6.19 3.30
C LEU A 375 5.43 5.37 4.58
N LEU A 376 6.55 4.65 4.68
CA LEU A 376 6.78 3.82 5.85
C LEU A 376 6.86 4.71 7.10
N ARG A 377 7.69 5.75 7.04
CA ARG A 377 8.02 6.48 8.25
C ARG A 377 6.93 7.44 8.74
N SER A 378 5.97 7.69 7.89
CA SER A 378 4.79 8.46 8.23
C SER A 378 3.72 7.46 8.67
N VAL A 379 3.09 6.78 7.71
CA VAL A 379 1.96 5.97 8.06
C VAL A 379 2.27 4.72 8.90
N GLN A 380 3.29 3.97 8.50
CA GLN A 380 3.57 2.71 9.20
C GLN A 380 4.15 2.91 10.57
N PHE A 381 5.05 3.87 10.74
CA PHE A 381 5.57 4.22 12.08
C PHE A 381 4.44 4.71 13.01
N LEU A 382 3.50 5.47 12.49
CA LEU A 382 2.32 5.88 13.30
C LEU A 382 1.59 4.64 13.78
N GLU A 383 1.25 3.77 12.84
CA GLU A 383 0.61 2.50 13.20
C GLU A 383 1.34 1.72 14.31
N ASP A 384 2.66 1.64 14.15
CA ASP A 384 3.51 0.89 15.07
C ASP A 384 3.68 1.48 16.44
N SER A 385 3.31 2.77 16.62
CA SER A 385 3.34 3.41 17.91
CA SER A 385 3.34 3.51 17.86
C SER A 385 1.92 3.55 18.49
N SER A 386 0.91 3.03 17.77
CA SER A 386 -0.49 3.17 18.12
C SER A 386 -0.94 1.92 18.87
N PRO A 387 -2.16 2.00 19.42
CA PRO A 387 -2.71 0.78 20.04
C PRO A 387 -2.99 -0.35 19.05
N LEU A 388 -2.93 -0.05 17.76
CA LEU A 388 -3.08 -1.07 16.72
C LEU A 388 -1.77 -1.82 16.39
N SER A 389 -0.68 -1.40 17.02
CA SER A 389 0.64 -2.01 16.73
C SER A 389 0.63 -3.52 16.74
N HIS A 390 1.17 -4.13 15.70
CA HIS A 390 1.27 -5.59 15.58
C HIS A 390 2.58 -5.92 14.89
N PRO A 391 3.10 -7.13 15.16
CA PRO A 391 4.21 -7.61 14.34
C PRO A 391 3.74 -7.96 12.93
N ILE A 392 4.71 -8.06 11.99
CA ILE A 392 4.33 -8.34 10.64
C ILE A 392 3.73 -9.73 10.45
N ARG A 393 3.94 -10.62 11.40
CA ARG A 393 3.18 -11.87 11.56
C ARG A 393 2.37 -11.84 12.82
N PRO A 394 1.09 -11.43 12.70
CA PRO A 394 0.25 -11.27 13.91
C PRO A 394 0.03 -12.58 14.67
N GLU A 395 -0.26 -12.45 15.97
CA GLU A 395 -0.55 -13.59 16.80
C GLU A 395 -2.05 -13.94 16.87
N SER A 396 -2.94 -13.05 16.46
CA SER A 396 -4.40 -13.24 16.57
C SER A 396 -5.20 -12.27 15.75
N TYR A 397 -6.40 -12.70 15.41
CA TYR A 397 -7.34 -11.84 14.73
C TYR A 397 -8.78 -12.27 14.95
N VAL A 398 -9.70 -11.32 14.81
CA VAL A 398 -11.13 -11.63 14.60
C VAL A 398 -11.51 -11.59 13.16
N SER A 399 -11.27 -10.46 12.48
CA SER A 399 -11.52 -10.34 11.08
C SER A 399 -10.12 -10.30 10.44
N MET A 400 -9.75 -11.31 9.65
CA MET A 400 -8.47 -11.27 8.90
C MET A 400 -8.32 -10.02 8.03
N GLU A 401 -9.42 -9.43 7.62
CA GLU A 401 -9.37 -8.30 6.74
C GLU A 401 -8.69 -7.08 7.39
N ASN A 402 -8.72 -7.00 8.72
CA ASN A 402 -8.09 -5.89 9.43
C ASN A 402 -6.61 -6.03 9.50
N PHE A 403 -6.08 -7.15 9.00
CA PHE A 403 -4.63 -7.28 8.99
C PHE A 403 -3.96 -7.01 7.64
N TYR A 404 -4.70 -6.44 6.71
CA TYR A 404 -4.11 -5.97 5.47
C TYR A 404 -3.64 -4.54 5.71
N THR A 405 -2.55 -4.44 6.42
CA THR A 405 -2.04 -3.16 6.97
C THR A 405 -0.71 -2.71 6.40
N THR A 406 -0.41 -1.44 6.59
CA THR A 406 0.89 -0.92 6.14
C THR A 406 2.01 -1.65 6.92
N THR A 407 1.73 -2.12 8.14
CA THR A 407 2.72 -2.96 8.80
C THR A 407 3.02 -4.22 8.01
N VAL A 408 1.98 -4.98 7.74
CA VAL A 408 2.15 -6.27 7.02
C VAL A 408 2.76 -6.07 5.61
N TYR A 409 2.34 -5.02 4.91
CA TYR A 409 2.78 -4.75 3.59
C TYR A 409 4.16 -4.06 3.53
N ASP A 410 4.22 -2.88 4.15
CA ASP A 410 5.36 -1.96 3.99
C ASP A 410 6.48 -2.27 4.95
N LYS A 411 6.19 -2.51 6.23
CA LYS A 411 7.24 -3.01 7.09
C LYS A 411 7.66 -4.42 6.65
N GLY A 412 6.69 -5.23 6.27
CA GLY A 412 7.02 -6.51 5.67
C GLY A 412 7.97 -6.43 4.51
N SER A 413 7.71 -5.47 3.64
CA SER A 413 8.60 -5.31 2.49
CA SER A 413 8.58 -5.28 2.50
C SER A 413 10.00 -4.94 2.93
N GLU A 414 10.14 -4.12 3.97
CA GLU A 414 11.49 -3.69 4.43
C GLU A 414 12.23 -4.81 5.08
N VAL A 415 11.48 -5.69 5.77
CA VAL A 415 12.02 -6.92 6.30
C VAL A 415 12.45 -7.85 5.19
N MET A 416 11.70 -7.92 4.10
CA MET A 416 12.10 -8.76 2.96
C MET A 416 13.33 -8.14 2.20
N ARG A 417 13.39 -6.82 2.16
CA ARG A 417 14.50 -6.14 1.58
C ARG A 417 15.80 -6.25 2.37
N MET A 418 15.73 -6.36 3.70
CA MET A 418 16.92 -6.45 4.49
C MET A 418 17.70 -7.75 4.15
N TYR A 419 17.00 -8.81 3.75
CA TYR A 419 17.71 -10.03 3.35
C TYR A 419 18.63 -9.71 2.17
N LEU A 420 18.18 -8.91 1.20
CA LEU A 420 18.97 -8.56 0.09
C LEU A 420 20.15 -7.74 0.53
N THR A 421 19.93 -6.80 1.42
CA THR A 421 21.05 -5.99 1.93
C THR A 421 22.10 -6.84 2.60
N ILE A 422 21.67 -7.77 3.44
CA ILE A 422 22.56 -8.67 4.21
C ILE A 422 23.31 -9.59 3.26
N LEU A 423 22.62 -10.17 2.31
CA LEU A 423 23.22 -11.24 1.47
C LEU A 423 23.97 -10.73 0.25
N GLY A 424 23.63 -9.54 -0.27
CA GLY A 424 24.02 -9.11 -1.62
C GLY A 424 23.23 -9.81 -2.71
N GLU A 425 23.34 -9.30 -3.90
CA GLU A 425 22.44 -9.66 -5.01
C GLU A 425 22.63 -11.13 -5.35
N GLU A 426 23.87 -11.59 -5.47
CA GLU A 426 24.07 -12.98 -5.86
C GLU A 426 23.54 -14.01 -4.87
N TYR A 427 23.90 -13.90 -3.59
CA TYR A 427 23.39 -14.82 -2.60
C TYR A 427 21.91 -14.62 -2.30
N TYR A 428 21.42 -13.39 -2.41
CA TYR A 428 19.92 -13.17 -2.28
C TYR A 428 19.18 -13.99 -3.36
N LYS A 429 19.63 -13.85 -4.59
CA LYS A 429 19.01 -14.61 -5.71
C LYS A 429 19.07 -16.11 -5.43
N LYS A 430 20.18 -16.63 -4.92
CA LYS A 430 20.26 -18.06 -4.52
C LYS A 430 19.24 -18.47 -3.48
N GLY A 431 19.12 -17.68 -2.39
CA GLY A 431 18.17 -18.00 -1.37
C GLY A 431 16.71 -17.99 -1.83
N PHE A 432 16.40 -16.97 -2.63
CA PHE A 432 15.04 -16.79 -3.21
C PHE A 432 14.72 -18.03 -4.07
N ASP A 433 15.68 -18.46 -4.91
CA ASP A 433 15.38 -19.67 -5.74
CA ASP A 433 15.53 -19.72 -5.72
C ASP A 433 15.23 -20.95 -4.89
N ILE A 434 16.00 -21.13 -3.81
CA ILE A 434 15.73 -22.21 -2.87
C ILE A 434 14.32 -22.22 -2.39
N TYR A 435 13.83 -21.04 -2.00
CA TYR A 435 12.49 -20.90 -1.52
C TYR A 435 11.44 -21.20 -2.55
N ILE A 436 11.61 -20.59 -3.71
CA ILE A 436 10.53 -20.68 -4.70
C ILE A 436 10.42 -22.07 -5.27
N LYS A 437 11.54 -22.79 -5.34
CA LYS A 437 11.49 -24.13 -5.96
C LYS A 437 11.05 -25.18 -4.97
N LYS A 438 11.57 -25.09 -3.76
CA LYS A 438 11.23 -26.08 -2.74
C LYS A 438 9.75 -26.16 -2.47
N ASN A 439 9.07 -25.00 -2.46
CA ASN A 439 7.69 -24.84 -2.00
C ASN A 439 6.72 -24.70 -3.18
N ASP A 440 7.25 -24.78 -4.41
CA ASP A 440 6.37 -24.76 -5.63
C ASP A 440 5.14 -25.66 -5.57
N GLY A 441 3.99 -25.10 -5.89
CA GLY A 441 2.72 -25.83 -5.91
C GLY A 441 2.20 -26.17 -4.54
N ASN A 442 2.73 -25.50 -3.52
CA ASN A 442 2.38 -25.79 -2.14
C ASN A 442 2.23 -24.54 -1.31
N THR A 443 1.87 -24.79 -0.06
CA THR A 443 1.81 -23.69 0.92
C THR A 443 3.15 -23.47 1.55
N ALA A 444 3.33 -22.28 2.17
CA ALA A 444 4.57 -21.98 2.88
C ALA A 444 4.29 -21.10 4.08
N THR A 445 5.32 -21.02 4.94
CA THR A 445 5.29 -20.17 6.15
C THR A 445 6.45 -19.18 6.13
N CYS A 446 6.37 -18.16 6.98
CA CYS A 446 7.54 -17.25 7.12
C CYS A 446 8.83 -17.99 7.43
N GLU A 447 8.76 -19.04 8.29
CA GLU A 447 9.93 -19.89 8.61
C GLU A 447 10.54 -20.48 7.40
N ASP A 448 9.74 -21.02 6.43
CA ASP A 448 10.31 -21.55 5.23
C ASP A 448 11.14 -20.51 4.48
N PHE A 449 10.67 -19.26 4.46
CA PHE A 449 11.45 -18.23 3.77
C PHE A 449 12.78 -17.96 4.48
N ASN A 450 12.68 -17.82 5.79
CA ASN A 450 13.88 -17.53 6.62
C ASN A 450 14.92 -18.68 6.50
N TYR A 451 14.43 -19.92 6.41
CA TYR A 451 15.29 -21.12 6.20
C TYR A 451 15.99 -21.11 4.90
N ALA A 452 15.32 -20.70 3.82
CA ALA A 452 15.97 -20.57 2.52
C ALA A 452 17.04 -19.49 2.52
N MET A 453 16.71 -18.34 3.13
CA MET A 453 17.66 -17.23 3.20
C MET A 453 18.87 -17.64 4.12
N GLU A 454 18.56 -18.43 5.14
CA GLU A 454 19.64 -18.97 6.03
C GLU A 454 20.58 -19.92 5.27
N GLN A 455 20.09 -20.69 4.32
CA GLN A 455 21.04 -21.50 3.50
C GLN A 455 21.97 -20.67 2.68
N ALA A 456 21.47 -19.58 2.10
CA ALA A 456 22.27 -18.62 1.35
C ALA A 456 23.29 -17.92 2.28
N TYR A 457 22.85 -17.61 3.47
CA TYR A 457 23.72 -16.91 4.42
C TYR A 457 24.94 -17.79 4.84
N LYS A 458 24.66 -19.05 5.10
CA LYS A 458 25.74 -20.02 5.38
C LYS A 458 26.76 -20.08 4.27
N MET A 459 26.29 -20.13 3.02
CA MET A 459 27.12 -20.17 1.84
C MET A 459 27.92 -18.86 1.77
N LYS A 460 27.25 -17.73 1.98
CA LYS A 460 27.91 -16.42 1.88
C LYS A 460 29.03 -16.30 2.91
N LYS A 461 28.78 -16.79 4.12
CA LYS A 461 29.73 -16.69 5.27
C LYS A 461 30.76 -17.82 5.19
N ALA A 462 30.54 -18.76 4.25
CA ALA A 462 31.31 -20.02 4.09
C ALA A 462 31.47 -20.71 5.43
N ASP A 463 30.36 -20.79 6.16
CA ASP A 463 30.33 -21.29 7.54
C ASP A 463 28.98 -21.97 7.78
N ASN A 464 28.93 -23.31 7.67
CA ASN A 464 27.66 -24.01 7.87
C ASN A 464 27.13 -23.96 9.32
N SER A 465 27.76 -23.23 10.24
CA SER A 465 27.19 -22.94 11.59
C SER A 465 26.52 -21.55 11.77
N ALA A 466 26.71 -20.63 10.82
CA ALA A 466 26.01 -19.33 10.81
C ALA A 466 24.51 -19.64 10.74
N ASN A 467 23.68 -18.79 11.38
CA ASN A 467 22.23 -18.98 11.39
C ASN A 467 21.51 -17.65 11.43
N LEU A 468 20.25 -17.69 11.00
CA LEU A 468 19.42 -16.53 11.03
C LEU A 468 18.30 -16.65 12.03
N ASN A 469 18.54 -17.39 13.13
CA ASN A 469 17.51 -17.51 14.10
CA ASN A 469 17.45 -17.51 14.12
C ASN A 469 17.05 -16.17 14.71
N GLN A 470 18.03 -15.27 14.97
CA GLN A 470 17.71 -13.97 15.44
C GLN A 470 16.80 -13.18 14.49
N TYR A 471 16.96 -13.41 13.20
CA TYR A 471 16.20 -12.70 12.17
C TYR A 471 14.70 -12.86 12.37
N LEU A 472 14.24 -14.01 12.87
CA LEU A 472 12.81 -14.27 13.09
C LEU A 472 12.11 -13.29 13.95
N LEU A 473 12.88 -12.58 14.79
CA LEU A 473 12.32 -11.55 15.64
C LEU A 473 11.75 -10.41 14.79
N TRP A 474 12.23 -10.21 13.55
CA TRP A 474 11.57 -9.22 12.72
C TRP A 474 10.11 -9.62 12.34
N PHE A 475 9.79 -10.94 12.40
CA PHE A 475 8.42 -11.38 12.11
C PHE A 475 7.53 -11.31 13.35
N SER A 476 8.10 -11.61 14.54
CA SER A 476 7.34 -11.71 15.78
C SER A 476 7.31 -10.50 16.71
N GLN A 477 8.27 -9.58 16.61
CA GLN A 477 8.36 -8.46 17.50
C GLN A 477 7.77 -7.21 16.89
N SER A 478 6.84 -6.59 17.60
CA SER A 478 6.23 -5.36 17.10
C SER A 478 7.06 -4.17 17.50
N GLY A 479 6.73 -3.02 16.93
CA GLY A 479 7.33 -1.76 17.28
C GLY A 479 8.53 -1.43 16.43
N THR A 480 8.81 -0.13 16.34
CA THR A 480 9.95 0.35 15.55
C THR A 480 11.20 0.49 16.41
N PRO A 481 12.32 -0.18 16.04
CA PRO A 481 13.58 0.05 16.80
C PRO A 481 14.07 1.46 16.64
N HIS A 482 14.74 1.97 17.68
CA HIS A 482 15.43 3.25 17.69
C HIS A 482 16.93 2.92 17.68
N VAL A 483 17.64 3.46 16.68
CA VAL A 483 19.08 3.24 16.58
C VAL A 483 19.78 4.57 16.73
N SER A 484 20.67 4.64 17.69
CA SER A 484 21.42 5.88 18.03
C SER A 484 22.90 5.65 17.96
N PHE A 485 23.64 6.72 17.80
CA PHE A 485 25.07 6.65 17.50
C PHE A 485 25.87 7.63 18.34
N LYS A 486 27.12 7.22 18.59
CA LYS A 486 28.16 8.09 19.12
C LYS A 486 29.43 7.87 18.33
N TYR A 487 30.18 8.94 18.15
CA TYR A 487 31.41 8.86 17.27
C TYR A 487 32.66 9.27 18.01
N ASN A 488 33.78 8.65 17.68
CA ASN A 488 35.12 9.11 18.17
CA ASN A 488 35.07 9.11 18.17
C ASN A 488 36.17 8.96 17.12
N TYR A 489 37.01 10.00 16.98
CA TYR A 489 38.09 9.98 16.00
C TYR A 489 39.45 10.21 16.78
N ASP A 490 40.40 9.37 16.50
CA ASP A 490 41.77 9.46 17.04
C ASP A 490 42.70 9.82 15.88
N ALA A 491 43.07 11.11 15.86
CA ALA A 491 43.84 11.76 14.74
C ALA A 491 45.26 11.17 14.61
N GLU A 492 45.84 10.77 15.73
CA GLU A 492 47.19 10.18 15.76
C GLU A 492 47.18 8.76 15.14
N LYS A 493 46.18 7.98 15.47
CA LYS A 493 46.04 6.68 14.97
C LYS A 493 45.28 6.55 13.65
N LYS A 494 44.66 7.63 13.17
CA LYS A 494 43.80 7.61 11.97
C LYS A 494 42.72 6.55 12.10
N GLN A 495 42.07 6.55 13.28
CA GLN A 495 41.17 5.44 13.64
C GLN A 495 39.82 6.07 14.17
N TYR A 496 38.72 5.58 13.61
CA TYR A 496 37.39 6.12 13.80
C TYR A 496 36.46 5.03 14.33
N SER A 497 35.65 5.38 15.31
CA SER A 497 34.70 4.41 15.84
C SER A 497 33.28 4.97 15.78
N ILE A 498 32.36 4.07 15.53
CA ILE A 498 30.92 4.31 15.51
C ILE A 498 30.37 3.35 16.54
N HIS A 499 29.81 3.90 17.63
CA HIS A 499 29.23 3.11 18.69
C HIS A 499 27.70 3.20 18.48
N VAL A 500 27.03 2.08 18.46
CA VAL A 500 25.65 2.01 18.04
C VAL A 500 24.85 1.32 19.11
N ASN A 501 23.66 1.87 19.38
CA ASN A 501 22.75 1.27 20.32
C ASN A 501 21.37 1.08 19.68
N GLN A 502 20.71 -0.03 20.00
CA GLN A 502 19.29 -0.21 19.55
C GLN A 502 18.39 -0.42 20.78
N TYR A 503 17.19 0.10 20.63
CA TYR A 503 16.11 0.06 21.68
C TYR A 503 14.81 -0.07 20.97
N THR A 504 13.96 -0.99 21.44
CA THR A 504 12.55 -1.00 20.99
C THR A 504 11.72 -0.81 22.24
N LYS A 505 10.78 0.14 22.18
CA LYS A 505 9.87 0.37 23.32
C LYS A 505 8.95 -0.79 23.62
N PRO A 506 8.88 -1.22 24.90
CA PRO A 506 7.93 -2.24 25.24
C PRO A 506 6.48 -1.85 24.89
N ASP A 507 5.64 -2.88 24.64
CA ASP A 507 4.30 -2.60 24.22
C ASP A 507 3.39 -3.74 24.63
N GLU A 508 2.17 -3.72 24.13
CA GLU A 508 1.18 -4.74 24.51
C GLU A 508 1.49 -6.12 23.95
N ASN A 509 2.30 -6.22 22.93
CA ASN A 509 2.68 -7.47 22.35
C ASN A 509 3.89 -8.16 23.00
N GLN A 510 4.87 -7.36 23.45
CA GLN A 510 5.97 -7.85 24.24
C GLN A 510 6.33 -6.86 25.31
N LYS A 511 6.32 -7.33 26.55
CA LYS A 511 6.78 -6.49 27.67
C LYS A 511 8.29 -6.34 27.73
N GLU A 512 9.02 -7.29 27.14
CA GLU A 512 10.49 -7.26 27.08
C GLU A 512 10.88 -7.40 25.60
N LYS A 513 11.60 -6.43 25.08
CA LYS A 513 11.96 -6.45 23.68
C LYS A 513 13.38 -6.91 23.52
N LYS A 514 13.62 -7.76 22.55
CA LYS A 514 14.95 -8.31 22.26
C LYS A 514 15.66 -7.54 21.12
N PRO A 515 17.01 -7.54 21.12
CA PRO A 515 17.70 -6.91 20.02
C PRO A 515 17.48 -7.69 18.72
N LEU A 516 17.38 -6.91 17.63
CA LEU A 516 17.21 -7.43 16.30
C LEU A 516 18.52 -7.49 15.54
N PHE A 517 18.51 -8.24 14.44
CA PHE A 517 19.62 -8.22 13.46
C PHE A 517 19.40 -7.04 12.54
N ILE A 518 20.14 -5.94 12.77
CA ILE A 518 19.94 -4.69 12.03
C ILE A 518 21.14 -4.47 11.10
N PRO A 519 20.93 -4.51 9.79
CA PRO A 519 21.98 -4.14 8.85
C PRO A 519 22.10 -2.66 8.66
N ILE A 520 23.32 -2.09 8.87
CA ILE A 520 23.54 -0.67 8.79
C ILE A 520 24.48 -0.35 7.66
N SER A 521 23.95 0.05 6.50
CA SER A 521 24.78 0.37 5.34
CA SER A 521 24.80 0.35 5.37
C SER A 521 25.42 1.72 5.60
N VAL A 522 26.75 1.82 5.46
CA VAL A 522 27.46 3.02 5.89
C VAL A 522 28.53 3.45 4.87
N GLY A 523 28.66 4.75 4.79
CA GLY A 523 29.78 5.43 4.17
C GLY A 523 30.41 6.44 5.11
N LEU A 524 31.56 6.98 4.68
CA LEU A 524 32.23 8.02 5.50
C LEU A 524 32.67 9.12 4.51
N ILE A 525 32.26 10.36 4.79
CA ILE A 525 32.49 11.47 3.92
C ILE A 525 33.57 12.36 4.56
N ASN A 526 34.53 12.76 3.71
CA ASN A 526 35.54 13.71 4.16
C ASN A 526 34.91 15.16 4.12
N PRO A 527 34.80 15.85 5.25
CA PRO A 527 34.08 17.12 5.28
C PRO A 527 34.82 18.25 4.59
N GLU A 528 36.11 18.02 4.41
CA GLU A 528 36.97 19.02 3.75
C GLU A 528 36.70 19.15 2.28
N ASN A 529 36.59 18.01 1.59
CA ASN A 529 36.45 17.93 0.16
C ASN A 529 35.18 17.26 -0.31
N GLY A 530 34.35 16.78 0.63
CA GLY A 530 33.16 16.04 0.25
C GLY A 530 33.27 14.69 -0.36
N LYS A 531 34.43 14.05 -0.32
CA LYS A 531 34.62 12.74 -0.95
C LYS A 531 34.43 11.52 -0.02
N GLU A 532 34.13 10.39 -0.63
CA GLU A 532 34.01 9.06 0.00
C GLU A 532 35.35 8.61 0.54
N MET A 533 35.35 8.05 1.73
CA MET A 533 36.59 7.66 2.42
C MET A 533 36.73 6.16 2.58
N ILE A 534 35.65 5.41 2.42
CA ILE A 534 35.67 3.94 2.50
C ILE A 534 34.78 3.34 1.41
N SER A 535 35.03 2.07 1.11
CA SER A 535 34.14 1.26 0.28
C SER A 535 32.86 1.20 1.06
N GLN A 536 31.71 1.39 0.45
CA GLN A 536 30.52 1.22 1.28
C GLN A 536 30.48 -0.20 1.91
N THR A 537 30.01 -0.29 3.15
CA THR A 537 30.06 -1.49 3.94
C THR A 537 28.76 -1.62 4.70
N THR A 538 28.44 -2.84 5.11
CA THR A 538 27.21 -3.08 5.83
C THR A 538 27.59 -3.61 7.21
N LEU A 539 27.37 -2.80 8.23
CA LEU A 539 27.57 -3.18 9.66
C LEU A 539 26.43 -4.08 10.09
N GLU A 540 26.75 -5.22 10.70
CA GLU A 540 25.72 -6.17 11.15
C GLU A 540 25.61 -6.02 12.66
N LEU A 541 24.66 -5.24 13.10
CA LEU A 541 24.41 -5.03 14.51
C LEU A 541 23.48 -6.17 14.99
N THR A 542 23.93 -6.97 15.95
CA THR A 542 23.12 -8.04 16.47
C THR A 542 22.89 -7.92 17.94
N LYS A 543 23.68 -7.15 18.67
CA LYS A 543 23.48 -6.93 20.08
C LYS A 543 22.73 -5.65 20.36
N GLU A 544 22.43 -5.44 21.64
CA GLU A 544 21.81 -4.19 22.03
C GLU A 544 22.72 -2.98 21.74
N SER A 545 24.01 -3.19 21.83
CA SER A 545 24.97 -2.13 21.41
C SER A 545 26.30 -2.76 20.94
N ASP A 546 27.03 -2.02 20.14
CA ASP A 546 28.25 -2.54 19.57
C ASP A 546 29.05 -1.34 19.11
N THR A 547 30.39 -1.46 19.01
CA THR A 547 31.26 -0.39 18.52
C THR A 547 32.04 -0.96 17.33
N PHE A 548 31.89 -0.26 16.20
CA PHE A 548 32.52 -0.63 14.93
C PHE A 548 33.65 0.34 14.68
N VAL A 549 34.86 -0.24 14.46
CA VAL A 549 36.09 0.57 14.38
C VAL A 549 36.68 0.44 12.96
N PHE A 550 37.12 1.58 12.47
CA PHE A 550 37.71 1.68 11.15
C PHE A 550 39.12 2.24 11.24
N ASN A 551 40.08 1.54 10.60
CA ASN A 551 41.43 2.07 10.48
C ASN A 551 41.70 2.80 9.14
N ASN A 552 42.82 3.51 9.06
CA ASN A 552 43.27 4.22 7.80
C ASN A 552 42.22 5.26 7.37
N ILE A 553 41.70 5.94 8.40
CA ILE A 553 40.74 7.05 8.24
C ILE A 553 41.48 8.34 8.43
N ALA A 554 41.69 9.02 7.34
CA ALA A 554 42.76 10.05 7.32
C ALA A 554 42.45 11.36 7.96
N VAL A 555 41.18 11.73 8.04
CA VAL A 555 40.69 12.89 8.74
C VAL A 555 39.39 12.53 9.42
N LYS A 556 38.95 13.36 10.33
CA LYS A 556 37.71 13.07 11.01
C LYS A 556 36.55 13.11 9.97
N PRO A 557 35.76 12.03 9.86
CA PRO A 557 34.73 11.97 8.84
C PRO A 557 33.40 12.48 9.33
N ILE A 558 32.46 12.59 8.39
CA ILE A 558 31.05 12.70 8.78
C ILE A 558 30.44 11.38 8.27
N PRO A 559 29.78 10.62 9.20
CA PRO A 559 29.27 9.33 8.81
C PRO A 559 28.01 9.46 7.97
N SER A 560 27.85 8.57 6.99
CA SER A 560 26.66 8.52 6.12
C SER A 560 25.97 7.19 6.47
N LEU A 561 24.94 7.28 7.34
CA LEU A 561 24.34 6.12 8.07
C LEU A 561 23.01 5.64 7.52
N PHE A 562 22.88 4.33 7.44
CA PHE A 562 21.66 3.68 6.94
C PHE A 562 21.36 4.08 5.50
N ARG A 563 22.40 3.99 4.68
CA ARG A 563 22.27 4.29 3.29
C ARG A 563 21.21 3.42 2.63
N GLY A 564 20.40 4.10 1.79
CA GLY A 564 19.26 3.47 1.15
C GLY A 564 18.11 3.18 2.12
N PHE A 565 18.20 3.70 3.35
CA PHE A 565 17.30 3.34 4.52
C PHE A 565 17.36 1.82 4.70
N SER A 566 18.48 1.35 5.26
CA SER A 566 18.83 -0.04 5.24
C SER A 566 18.12 -0.84 6.29
N ALA A 567 17.38 -0.23 7.23
CA ALA A 567 16.52 -1.00 8.11
C ALA A 567 15.40 -0.14 8.50
N PRO A 568 14.29 -0.74 8.95
CA PRO A 568 13.04 0.08 9.21
C PRO A 568 13.08 0.53 10.66
N VAL A 569 13.81 1.64 10.89
CA VAL A 569 14.08 2.06 12.22
C VAL A 569 13.97 3.62 12.36
N TYR A 570 13.84 4.11 13.61
CA TYR A 570 14.10 5.49 13.92
C TYR A 570 15.62 5.69 14.00
N ILE A 571 16.15 6.67 13.28
CA ILE A 571 17.63 6.90 13.27
C ILE A 571 17.86 8.16 14.07
N GLU A 572 18.74 8.07 15.05
CA GLU A 572 19.20 9.22 15.84
C GLU A 572 20.65 9.41 15.47
N ASP A 573 20.90 10.30 14.52
CA ASP A 573 22.26 10.44 13.96
C ASP A 573 23.28 11.13 14.87
N ASN A 574 22.80 11.87 15.87
CA ASN A 574 23.61 12.67 16.78
CA ASN A 574 23.70 12.61 16.77
C ASN A 574 24.64 13.55 15.99
N LEU A 575 24.22 14.04 14.82
CA LEU A 575 25.04 14.96 14.01
C LEU A 575 24.59 16.39 14.27
N THR A 576 25.52 17.34 14.16
CA THR A 576 25.14 18.74 14.19
C THR A 576 24.44 19.14 12.89
N ASP A 577 23.78 20.28 12.93
CA ASP A 577 23.19 20.74 11.68
C ASP A 577 24.26 21.08 10.64
N GLU A 578 25.43 21.55 11.11
CA GLU A 578 26.53 21.79 10.14
C GLU A 578 26.96 20.50 9.40
N GLU A 579 27.07 19.39 10.16
CA GLU A 579 27.40 18.10 9.57
C GLU A 579 26.29 17.62 8.64
N ARG A 580 25.04 17.82 9.08
CA ARG A 580 23.88 17.45 8.23
C ARG A 580 23.86 18.21 6.89
N ILE A 581 24.19 19.50 6.95
CA ILE A 581 24.26 20.31 5.75
C ILE A 581 25.34 19.79 4.78
N LEU A 582 26.50 19.38 5.32
CA LEU A 582 27.58 18.84 4.51
C LEU A 582 27.16 17.54 3.83
N LEU A 583 26.41 16.67 4.51
CA LEU A 583 25.95 15.48 3.85
C LEU A 583 24.90 15.82 2.80
N LEU A 584 24.00 16.72 3.14
CA LEU A 584 22.97 17.15 2.16
C LEU A 584 23.64 17.60 0.88
N LYS A 585 24.70 18.42 1.00
CA LYS A 585 25.37 18.92 -0.25
C LYS A 585 26.19 17.88 -0.97
N TYR A 586 26.91 17.04 -0.26
CA TYR A 586 28.03 16.30 -0.79
C TYR A 586 27.92 14.78 -0.74
N ASP A 587 27.05 14.20 0.14
CA ASP A 587 26.99 12.73 0.17
C ASP A 587 26.48 12.14 -1.13
N SER A 588 26.81 10.89 -1.40
CA SER A 588 26.37 10.17 -2.57
C SER A 588 24.97 9.58 -2.42
N ASP A 589 24.58 9.22 -1.19
CA ASP A 589 23.37 8.47 -0.98
C ASP A 589 22.13 9.36 -0.87
N ALA A 590 21.14 9.17 -1.75
CA ALA A 590 20.00 10.05 -1.74
C ALA A 590 19.20 9.99 -0.48
N PHE A 591 19.04 8.79 0.11
CA PHE A 591 18.30 8.72 1.39
C PHE A 591 19.05 9.49 2.50
N VAL A 592 20.36 9.30 2.64
CA VAL A 592 21.07 10.00 3.74
C VAL A 592 20.97 11.50 3.51
N ARG A 593 21.09 11.94 2.27
CA ARG A 593 20.95 13.38 2.02
C ARG A 593 19.55 13.94 2.43
N TYR A 594 18.54 13.27 1.98
CA TYR A 594 17.16 13.52 2.32
C TYR A 594 16.97 13.40 3.85
N ASN A 595 17.48 12.35 4.51
CA ASN A 595 17.27 12.22 5.93
C ASN A 595 17.98 13.31 6.73
N SER A 596 19.19 13.69 6.27
CA SER A 596 19.92 14.81 6.93
C SER A 596 19.10 16.06 6.89
N CYS A 597 18.51 16.36 5.71
CA CYS A 597 17.55 17.49 5.60
C CYS A 597 16.31 17.34 6.53
N THR A 598 15.75 16.14 6.52
CA THR A 598 14.63 15.80 7.38
C THR A 598 14.95 16.08 8.84
N ASN A 599 16.14 15.69 9.26
CA ASN A 599 16.55 15.88 10.61
C ASN A 599 16.74 17.32 11.04
N ILE A 600 17.24 18.14 10.09
CA ILE A 600 17.37 19.59 10.34
C ILE A 600 15.99 20.19 10.47
N TYR A 601 15.06 19.81 9.60
CA TYR A 601 13.70 20.26 9.75
C TYR A 601 13.08 19.80 11.07
N MET A 602 13.28 18.54 11.46
CA MET A 602 12.65 18.06 12.71
C MET A 602 13.16 18.78 13.91
N LYS A 603 14.48 19.09 13.96
CA LYS A 603 15.03 19.81 15.10
C LYS A 603 14.35 21.21 15.23
N GLN A 604 14.20 21.85 14.08
CA GLN A 604 13.60 23.19 14.01
C GLN A 604 12.13 23.09 14.38
N ILE A 605 11.41 22.07 13.85
CA ILE A 605 9.97 21.94 14.11
C ILE A 605 9.72 21.73 15.66
N LEU A 606 10.48 20.82 16.25
CA LEU A 606 10.28 20.55 17.66
C LEU A 606 10.61 21.82 18.51
N MET A 607 11.68 22.54 18.13
CA MET A 607 12.07 23.74 18.89
C MET A 607 11.01 24.84 18.79
N ASN A 608 10.54 25.14 17.60
CA ASN A 608 9.49 26.16 17.37
C ASN A 608 8.20 25.70 17.96
N TYR A 609 7.85 24.40 17.83
CA TYR A 609 6.62 23.89 18.42
C TYR A 609 6.63 24.14 19.93
N ASN A 610 7.76 23.84 20.58
CA ASN A 610 7.82 23.99 22.04
C ASN A 610 7.72 25.51 22.41
N GLU A 611 8.36 26.37 21.61
CA GLU A 611 8.27 27.83 21.80
C GLU A 611 6.86 28.33 21.72
N PHE A 612 6.16 27.97 20.67
CA PHE A 612 4.76 28.34 20.49
C PHE A 612 3.89 27.73 21.61
N LEU A 613 4.15 26.49 21.97
CA LEU A 613 3.31 25.82 22.97
C LEU A 613 3.47 26.52 24.33
N LYS A 614 4.68 26.81 24.71
CA LYS A 614 4.91 27.51 25.99
C LYS A 614 4.22 28.86 25.99
N ALA A 615 4.34 29.59 24.89
CA ALA A 615 3.67 30.93 24.80
C ALA A 615 2.17 30.84 24.96
N LYS A 616 1.59 29.80 24.38
CA LYS A 616 0.12 29.62 24.36
C LYS A 616 -0.31 29.23 25.78
N ASN A 617 0.43 28.33 26.39
CA ASN A 617 -0.06 27.74 27.68
C ASN A 617 0.21 28.72 28.78
N GLU A 618 1.29 29.47 28.66
CA GLU A 618 1.60 30.47 29.65
C GLU A 618 0.94 31.84 29.42
N LYS A 619 0.19 31.97 28.30
CA LYS A 619 -0.49 33.21 27.89
C LYS A 619 0.46 34.39 27.83
N LEU A 620 1.64 34.17 27.23
CA LEU A 620 2.68 35.18 27.20
C LEU A 620 2.26 36.32 26.27
N GLU A 621 2.67 37.54 26.62
CA GLU A 621 2.37 38.68 25.73
C GLU A 621 3.44 38.86 24.63
N SER A 622 4.61 38.30 24.86
CA SER A 622 5.72 38.35 23.84
C SER A 622 6.64 37.14 24.12
N PHE A 623 7.39 36.71 23.11
CA PHE A 623 8.28 35.58 23.24
C PHE A 623 9.11 35.51 21.99
N ASN A 624 10.05 34.60 21.96
CA ASN A 624 10.91 34.50 20.84
C ASN A 624 10.71 33.18 20.09
N LEU A 625 11.09 33.15 18.79
CA LEU A 625 11.14 31.96 18.04
C LEU A 625 12.59 31.78 17.56
N THR A 626 13.09 30.54 17.54
CA THR A 626 14.39 30.23 17.00
C THR A 626 14.27 30.32 15.48
N PRO A 627 15.12 31.11 14.82
CA PRO A 627 15.04 31.16 13.36
C PRO A 627 15.56 29.90 12.73
N VAL A 628 15.10 29.69 11.49
CA VAL A 628 15.61 28.58 10.68
C VAL A 628 17.09 28.82 10.38
N ASN A 629 17.94 27.82 10.45
CA ASN A 629 19.38 27.91 10.24
C ASN A 629 19.66 28.51 8.86
N ALA A 630 20.45 29.62 8.85
CA ALA A 630 20.67 30.38 7.67
C ALA A 630 21.55 29.62 6.65
N GLN A 631 22.48 28.83 7.17
CA GLN A 631 23.37 27.98 6.37
C GLN A 631 22.58 26.84 5.70
N PHE A 632 21.54 26.34 6.35
CA PHE A 632 20.66 25.33 5.74
C PHE A 632 19.88 25.99 4.59
N ILE A 633 19.39 27.19 4.81
CA ILE A 633 18.68 27.83 3.76
C ILE A 633 19.61 28.06 2.52
N ASP A 634 20.85 28.50 2.80
CA ASP A 634 21.86 28.68 1.73
C ASP A 634 22.09 27.34 0.99
N ALA A 635 22.12 26.23 1.72
CA ALA A 635 22.25 24.92 1.14
C ALA A 635 21.10 24.55 0.24
N ILE A 636 19.88 24.85 0.65
CA ILE A 636 18.71 24.67 -0.20
C ILE A 636 18.84 25.45 -1.52
N LYS A 637 19.21 26.69 -1.41
CA LYS A 637 19.39 27.55 -2.61
C LYS A 637 20.45 26.98 -3.52
N TYR A 638 21.60 26.63 -2.97
CA TYR A 638 22.71 25.96 -3.76
C TYR A 638 22.22 24.73 -4.53
N LEU A 639 21.52 23.84 -3.85
CA LEU A 639 20.95 22.67 -4.55
C LEU A 639 19.92 23.10 -5.60
N LEU A 640 19.00 24.02 -5.28
CA LEU A 640 17.97 24.33 -6.24
C LEU A 640 18.60 24.93 -7.53
N GLU A 641 19.65 25.71 -7.35
CA GLU A 641 20.30 26.45 -8.49
C GLU A 641 21.26 25.59 -9.28
N ASP A 642 21.48 24.35 -8.86
CA ASP A 642 22.37 23.48 -9.55
C ASP A 642 21.56 22.84 -10.68
N PRO A 643 21.86 23.19 -11.96
CA PRO A 643 21.11 22.65 -13.09
C PRO A 643 21.30 21.15 -13.26
N HIS A 644 22.33 20.59 -12.65
CA HIS A 644 22.55 19.18 -12.81
C HIS A 644 22.06 18.39 -11.62
N ALA A 645 21.43 19.00 -10.62
CA ALA A 645 20.88 18.23 -9.49
C ALA A 645 19.47 17.75 -9.86
N ASP A 646 19.00 16.72 -9.20
CA ASP A 646 17.78 16.04 -9.58
C ASP A 646 16.49 16.83 -9.22
N ALA A 647 15.57 16.98 -10.17
CA ALA A 647 14.35 17.74 -9.91
C ALA A 647 13.46 17.12 -8.85
N GLY A 648 13.31 15.80 -8.87
CA GLY A 648 12.56 15.14 -7.85
C GLY A 648 13.12 15.30 -6.45
N PHE A 649 14.44 15.11 -6.36
CA PHE A 649 15.11 15.32 -5.07
C PHE A 649 14.83 16.75 -4.56
N LYS A 650 14.88 17.77 -5.43
CA LYS A 650 14.70 19.19 -5.03
C LYS A 650 13.29 19.33 -4.43
N SER A 651 12.28 18.66 -5.02
CA SER A 651 10.93 18.79 -4.45
C SER A 651 10.82 18.24 -3.03
N TYR A 652 11.61 17.24 -2.67
CA TYR A 652 11.66 16.74 -1.31
C TYR A 652 12.35 17.71 -0.33
N ILE A 653 13.34 18.46 -0.76
CA ILE A 653 14.09 19.31 0.18
C ILE A 653 13.34 20.58 0.53
N VAL A 654 12.45 21.10 -0.35
CA VAL A 654 11.72 22.33 -0.05
C VAL A 654 10.40 22.04 0.66
N SER A 655 10.09 20.77 0.87
CA SER A 655 8.88 20.37 1.59
C SER A 655 9.27 19.95 3.01
N LEU A 656 8.47 20.38 4.00
CA LEU A 656 8.72 19.96 5.36
C LEU A 656 8.27 18.44 5.44
N PRO A 657 8.77 17.77 6.44
CA PRO A 657 8.26 16.44 6.74
C PRO A 657 6.72 16.40 6.89
N GLN A 658 6.14 15.28 6.45
CA GLN A 658 4.68 15.11 6.58
C GLN A 658 4.23 15.13 8.03
N ASP A 659 3.02 15.60 8.23
CA ASP A 659 2.50 15.67 9.54
C ASP A 659 2.51 14.35 10.29
N ARG A 660 2.11 13.27 9.63
CA ARG A 660 2.16 11.93 10.30
C ARG A 660 3.57 11.53 10.70
N TYR A 661 4.60 11.99 9.98
CA TYR A 661 5.97 11.78 10.46
C TYR A 661 6.27 12.56 11.70
N ILE A 662 5.92 13.82 11.66
CA ILE A 662 6.20 14.74 12.80
C ILE A 662 5.55 14.23 14.07
N ILE A 663 4.29 13.74 13.96
CA ILE A 663 3.56 13.34 15.12
C ILE A 663 4.21 12.15 15.88
N ASN A 664 5.03 11.34 15.20
CA ASN A 664 5.71 10.27 15.94
C ASN A 664 6.68 10.83 17.00
N PHE A 665 7.04 12.13 16.94
CA PHE A 665 7.99 12.75 17.82
C PHE A 665 7.43 13.68 18.86
N VAL A 666 6.11 13.75 18.92
CA VAL A 666 5.42 14.66 19.87
C VAL A 666 4.32 13.94 20.62
N SER A 667 4.33 14.09 21.96
CA SER A 667 3.21 13.54 22.74
C SER A 667 2.29 14.72 23.09
N ASN A 668 0.99 14.48 23.17
CA ASN A 668 0.00 15.49 23.50
C ASN A 668 0.00 16.63 22.50
N LEU A 669 0.05 16.25 21.26
CA LEU A 669 0.22 17.23 20.19
C LEU A 669 -0.94 18.18 20.05
N ASP A 670 -0.66 19.50 20.10
CA ASP A 670 -1.61 20.52 19.77
C ASP A 670 -1.51 20.84 18.27
N THR A 671 -2.48 20.40 17.47
CA THR A 671 -2.40 20.49 16.07
C THR A 671 -2.40 21.91 15.55
N ASP A 672 -3.01 22.83 16.30
CA ASP A 672 -3.00 24.23 15.92
C ASP A 672 -1.62 24.85 16.08
N VAL A 673 -0.96 24.50 17.16
CA VAL A 673 0.43 24.89 17.40
C VAL A 673 1.37 24.33 16.33
N LEU A 674 1.14 23.07 15.98
CA LEU A 674 1.91 22.51 14.86
C LEU A 674 1.70 23.28 13.53
N ALA A 675 0.44 23.57 13.19
CA ALA A 675 0.13 24.34 11.99
C ALA A 675 0.83 25.67 12.01
N ASP A 676 0.82 26.34 13.15
CA ASP A 676 1.49 27.64 13.23
C ASP A 676 3.03 27.48 13.09
N THR A 677 3.55 26.39 13.65
CA THR A 677 4.98 26.03 13.50
C THR A 677 5.39 25.90 12.03
N LYS A 678 4.67 25.02 11.31
CA LYS A 678 4.96 24.80 9.88
C LYS A 678 4.86 26.12 9.12
N GLU A 679 3.83 26.94 9.39
CA GLU A 679 3.70 28.21 8.62
C GLU A 679 4.86 29.11 8.89
N TYR A 680 5.32 29.18 10.14
CA TYR A 680 6.46 30.04 10.44
C TYR A 680 7.71 29.60 9.70
N ILE A 681 7.99 28.30 9.72
CA ILE A 681 9.19 27.74 9.02
C ILE A 681 9.12 27.97 7.52
N TYR A 682 8.02 27.64 6.87
CA TYR A 682 7.85 27.89 5.46
C TYR A 682 8.03 29.37 5.12
N LYS A 683 7.52 30.23 5.96
CA LYS A 683 7.59 31.72 5.73
C LYS A 683 8.99 32.20 5.87
N GLN A 684 9.74 31.71 6.86
CA GLN A 684 11.16 32.03 7.06
C GLN A 684 11.95 31.67 5.78
N ILE A 685 11.75 30.47 5.28
CA ILE A 685 12.52 30.02 4.15
C ILE A 685 12.12 30.83 2.89
N GLY A 686 10.81 31.01 2.66
CA GLY A 686 10.33 31.76 1.47
C GLY A 686 10.79 33.18 1.49
N ASP A 687 10.83 33.78 2.68
CA ASP A 687 11.38 35.13 2.76
C ASP A 687 12.79 35.27 2.20
N LYS A 688 13.59 34.20 2.31
CA LYS A 688 14.89 34.11 1.68
C LYS A 688 14.88 33.65 0.21
N LEU A 689 14.06 32.64 -0.12
CA LEU A 689 14.17 31.88 -1.38
C LEU A 689 13.11 32.15 -2.44
N ASN A 690 12.08 32.97 -2.18
CA ASN A 690 10.97 33.03 -3.11
C ASN A 690 11.42 33.46 -4.53
N ASP A 691 12.38 34.37 -4.61
CA ASP A 691 12.82 34.81 -5.91
C ASP A 691 13.52 33.68 -6.64
N VAL A 692 14.25 32.84 -5.88
CA VAL A 692 14.89 31.63 -6.48
C VAL A 692 13.77 30.70 -6.95
N TYR A 693 12.76 30.50 -6.08
CA TYR A 693 11.63 29.63 -6.42
C TYR A 693 10.91 30.07 -7.71
N TYR A 694 10.65 31.35 -7.80
CA TYR A 694 10.07 31.91 -9.02
C TYR A 694 10.96 31.73 -10.25
N LYS A 695 12.23 32.06 -10.15
CA LYS A 695 13.13 31.89 -11.28
C LYS A 695 13.15 30.43 -11.77
N MET A 696 13.25 29.49 -10.85
CA MET A 696 13.19 28.07 -11.22
C MET A 696 11.86 27.63 -11.78
N PHE A 697 10.73 28.09 -11.22
CA PHE A 697 9.43 27.76 -11.75
C PHE A 697 9.39 28.17 -13.25
N LYS A 698 9.88 29.35 -13.57
CA LYS A 698 9.89 29.76 -14.99
C LYS A 698 10.88 29.01 -15.86
N SER A 699 12.09 28.84 -15.38
CA SER A 699 13.18 28.23 -16.13
C SER A 699 12.86 26.76 -16.42
N LEU A 700 12.17 26.07 -15.50
CA LEU A 700 11.86 24.62 -15.74
C LEU A 700 10.75 24.40 -16.74
N GLU A 701 9.97 25.40 -17.08
CA GLU A 701 8.76 25.23 -17.89
C GLU A 701 9.00 24.46 -19.18
N ALA A 702 10.05 24.85 -19.89
CA ALA A 702 10.21 24.38 -21.31
C ALA A 702 10.42 22.89 -21.27
N LYS A 703 11.30 22.42 -20.39
CA LYS A 703 11.58 20.97 -20.30
C LYS A 703 10.48 20.20 -19.58
N ALA A 704 9.90 20.80 -18.55
CA ALA A 704 8.81 20.16 -17.78
C ALA A 704 7.61 19.82 -18.58
N ASP A 705 7.23 20.74 -19.45
CA ASP A 705 5.94 20.65 -20.12
C ASP A 705 6.12 20.36 -21.62
N ASP A 706 7.32 20.00 -22.05
CA ASP A 706 7.59 19.50 -23.40
C ASP A 706 6.64 18.34 -23.71
N LEU A 707 6.11 18.32 -24.92
CA LEU A 707 5.09 17.31 -25.29
C LEU A 707 5.63 16.08 -25.98
N THR A 708 6.93 15.84 -25.88
CA THR A 708 7.46 14.58 -26.32
C THR A 708 6.69 13.43 -25.58
N TYR A 709 6.24 12.45 -26.35
CA TYR A 709 5.59 11.26 -25.82
C TYR A 709 4.16 11.53 -25.39
N PHE A 710 3.59 12.73 -25.65
CA PHE A 710 2.24 13.00 -25.18
C PHE A 710 1.15 12.08 -25.81
N ASN A 711 1.46 11.48 -26.99
CA ASN A 711 0.55 10.58 -27.67
C ASN A 711 1.03 9.16 -27.51
N ASP A 712 2.03 8.90 -26.67
CA ASP A 712 2.63 7.57 -26.59
C ASP A 712 2.29 6.99 -25.20
N GLU A 713 1.33 6.09 -25.19
CA GLU A 713 0.92 5.51 -23.89
C GLU A 713 1.75 4.31 -23.52
N SER A 714 2.87 4.11 -24.21
CA SER A 714 3.76 3.02 -23.85
C SER A 714 5.01 3.49 -23.18
N HIS A 715 5.15 4.81 -23.03
CA HIS A 715 6.45 5.35 -22.50
C HIS A 715 6.21 6.56 -21.65
N VAL A 716 6.86 6.61 -20.49
CA VAL A 716 6.78 7.72 -19.57
C VAL A 716 8.21 8.14 -19.22
N ASP A 717 8.45 9.44 -19.32
CA ASP A 717 9.73 10.00 -18.89
C ASP A 717 9.53 10.43 -17.43
N PHE A 718 10.00 9.58 -16.49
CA PHE A 718 9.80 9.87 -15.05
C PHE A 718 10.59 11.08 -14.54
N ASP A 719 11.74 11.36 -15.19
CA ASP A 719 12.52 12.56 -14.84
CA ASP A 719 12.54 12.57 -14.86
C ASP A 719 11.71 13.80 -15.20
N GLN A 720 11.08 13.81 -16.37
CA GLN A 720 10.25 14.91 -16.73
C GLN A 720 9.02 15.06 -15.80
N MET A 721 8.42 13.96 -15.37
CA MET A 721 7.36 14.02 -14.43
C MET A 721 7.83 14.67 -13.11
N ASN A 722 9.03 14.32 -12.69
CA ASN A 722 9.60 14.96 -11.45
C ASN A 722 9.84 16.45 -11.69
N MET A 723 10.17 16.88 -12.89
CA MET A 723 10.22 18.32 -13.14
C MET A 723 8.87 19.00 -12.94
N ARG A 724 7.79 18.38 -13.40
CA ARG A 724 6.46 18.95 -13.19
C ARG A 724 6.14 18.96 -11.71
N THR A 725 6.56 17.92 -10.98
CA THR A 725 6.31 17.86 -9.55
C THR A 725 6.99 18.98 -8.88
N LEU A 726 8.24 19.24 -9.26
CA LEU A 726 8.98 20.37 -8.66
C LEU A 726 8.28 21.70 -9.03
N ARG A 727 7.88 21.94 -10.29
CA ARG A 727 7.17 23.15 -10.62
C ARG A 727 5.92 23.34 -9.80
N ASN A 728 5.18 22.28 -9.60
CA ASN A 728 3.97 22.37 -8.89
C ASN A 728 4.14 22.59 -7.39
N THR A 729 5.20 22.08 -6.85
CA THR A 729 5.58 22.27 -5.43
C THR A 729 5.98 23.76 -5.27
N LEU A 730 6.80 24.24 -6.18
CA LEU A 730 7.23 25.64 -6.11
C LEU A 730 6.00 26.58 -6.24
N LEU A 731 5.11 26.27 -7.16
CA LEU A 731 3.92 27.11 -7.40
C LEU A 731 3.05 27.20 -6.16
N SER A 732 2.96 26.10 -5.41
CA SER A 732 2.24 26.07 -4.15
C SER A 732 2.87 26.97 -3.10
N LEU A 733 4.22 26.90 -3.01
CA LEU A 733 4.99 27.75 -2.08
C LEU A 733 4.76 29.23 -2.38
N LEU A 734 4.86 29.56 -3.65
CA LEU A 734 4.72 30.96 -4.09
C LEU A 734 3.31 31.49 -3.96
N SER A 735 2.32 30.63 -4.13
CA SER A 735 0.93 31.00 -4.00
C SER A 735 0.54 31.26 -2.58
N LYS A 736 0.97 30.41 -1.68
CA LYS A 736 0.74 30.60 -0.24
C LYS A 736 1.43 31.87 0.23
N ALA A 737 2.60 32.13 -0.32
CA ALA A 737 3.37 33.36 -0.02
C ALA A 737 2.73 34.64 -0.56
N GLN A 738 1.77 34.54 -1.45
CA GLN A 738 1.25 35.72 -2.22
C GLN A 738 2.36 36.45 -2.96
N TYR A 739 3.23 35.69 -3.58
CA TYR A 739 4.31 36.29 -4.37
C TYR A 739 3.72 37.21 -5.43
N PRO A 740 4.38 38.39 -5.68
CA PRO A 740 3.73 39.38 -6.50
C PRO A 740 3.42 38.83 -7.88
N ASN A 741 2.15 39.01 -8.25
CA ASN A 741 1.59 38.70 -9.57
C ASN A 741 1.55 37.23 -9.87
N ILE A 742 1.69 36.40 -8.84
CA ILE A 742 1.67 34.94 -9.09
C ILE A 742 0.34 34.45 -9.63
N LEU A 743 -0.75 35.17 -9.36
CA LEU A 743 -2.04 34.79 -9.95
C LEU A 743 -1.96 34.68 -11.48
N ASN A 744 -1.18 35.53 -12.14
CA ASN A 744 -0.99 35.40 -13.59
C ASN A 744 -0.41 34.05 -14.01
N GLU A 745 0.59 33.59 -13.25
CA GLU A 745 1.17 32.28 -13.48
C GLU A 745 0.12 31.18 -13.22
N ILE A 746 -0.71 31.35 -12.18
CA ILE A 746 -1.72 30.32 -11.84
C ILE A 746 -2.69 30.19 -13.01
N ILE A 747 -3.13 31.33 -13.53
CA ILE A 747 -4.06 31.30 -14.67
C ILE A 747 -3.46 30.70 -15.93
N GLU A 748 -2.22 31.00 -16.23
CA GLU A 748 -1.54 30.41 -17.36
C GLU A 748 -1.43 28.90 -17.15
N HIS A 749 -1.09 28.51 -15.93
CA HIS A 749 -0.89 27.08 -15.61
C HIS A 749 -2.14 26.30 -15.83
N SER A 750 -3.30 26.87 -15.56
CA SER A 750 -4.61 26.21 -15.83
C SER A 750 -4.95 25.94 -17.25
N LYS A 751 -4.18 26.52 -18.20
CA LYS A 751 -4.31 26.25 -19.59
C LYS A 751 -3.40 25.13 -20.11
N SER A 752 -2.58 24.53 -19.25
CA SER A 752 -1.68 23.47 -19.66
C SER A 752 -2.36 22.24 -20.08
N PRO A 753 -1.82 21.51 -21.06
CA PRO A 753 -2.48 20.28 -21.42
C PRO A 753 -2.30 19.15 -20.41
N TYR A 754 -1.38 19.31 -19.45
CA TYR A 754 -1.16 18.26 -18.43
C TYR A 754 -2.16 18.40 -17.27
N PRO A 755 -2.99 17.38 -17.01
CA PRO A 755 -3.86 17.45 -15.84
C PRO A 755 -3.13 17.73 -14.54
N SER A 756 -1.96 17.18 -14.34
CA SER A 756 -1.23 17.49 -13.11
C SER A 756 -1.10 18.99 -12.92
N ASN A 757 -0.80 19.70 -14.00
CA ASN A 757 -0.73 21.17 -13.95
C ASN A 757 -2.05 21.86 -13.76
N TRP A 758 -3.04 21.57 -14.59
CA TRP A 758 -4.31 22.27 -14.41
C TRP A 758 -5.06 21.94 -13.14
N LEU A 759 -4.89 20.75 -12.56
CA LEU A 759 -5.48 20.53 -11.28
C LEU A 759 -4.64 21.22 -10.18
N THR A 760 -3.32 21.28 -10.29
CA THR A 760 -2.51 22.08 -9.36
C THR A 760 -3.02 23.55 -9.38
N SER A 761 -3.38 24.06 -10.55
CA SER A 761 -3.90 25.47 -10.61
C SER A 761 -5.06 25.65 -9.73
N LEU A 762 -5.96 24.63 -9.68
CA LEU A 762 -7.09 24.73 -8.72
C LEU A 762 -6.64 24.76 -7.27
N SER A 763 -5.82 23.81 -6.83
CA SER A 763 -5.39 23.89 -5.42
C SER A 763 -4.64 25.12 -5.02
N VAL A 764 -3.71 25.57 -5.85
CA VAL A 764 -2.94 26.76 -5.51
C VAL A 764 -3.81 28.06 -5.58
N SER A 765 -4.89 28.04 -6.36
CA SER A 765 -5.79 29.19 -6.43
C SER A 765 -6.57 29.36 -5.17
N ALA A 766 -6.51 28.37 -4.25
CA ALA A 766 -7.20 28.50 -2.98
C ALA A 766 -6.95 29.83 -2.22
N TYR A 767 -5.75 30.36 -2.41
CA TYR A 767 -5.29 31.58 -1.76
C TYR A 767 -5.77 32.84 -2.43
N PHE A 768 -6.64 32.75 -3.42
CA PHE A 768 -7.07 33.89 -4.25
C PHE A 768 -8.57 33.84 -4.53
N ASP A 769 -9.13 35.04 -4.85
CA ASP A 769 -10.51 35.21 -5.25
C ASP A 769 -10.91 34.39 -6.47
N LYS A 770 -9.95 33.99 -7.28
CA LYS A 770 -10.21 33.24 -8.51
C LYS A 770 -10.52 31.76 -8.22
N TYR A 771 -10.44 31.33 -6.95
CA TYR A 771 -10.66 29.88 -6.70
C TYR A 771 -11.97 29.37 -7.29
N PHE A 772 -13.11 30.06 -7.08
CA PHE A 772 -14.34 29.44 -7.57
C PHE A 772 -14.43 29.45 -9.11
N GLU A 773 -13.76 30.37 -9.80
CA GLU A 773 -13.72 30.28 -11.26
C GLU A 773 -12.93 29.07 -11.72
N LEU A 774 -11.75 28.87 -11.12
CA LEU A 774 -10.96 27.63 -11.41
C LEU A 774 -11.67 26.33 -11.02
N TYR A 775 -12.39 26.36 -9.92
CA TYR A 775 -13.27 25.22 -9.48
C TYR A 775 -14.22 24.84 -10.59
N ASP A 776 -14.94 25.83 -11.13
CA ASP A 776 -15.82 25.55 -12.26
C ASP A 776 -15.13 25.11 -13.58
N LYS A 777 -14.03 25.78 -13.94
CA LYS A 777 -13.33 25.50 -15.12
C LYS A 777 -12.86 24.04 -15.07
N THR A 778 -12.21 23.70 -13.97
CA THR A 778 -11.62 22.35 -13.89
C THR A 778 -12.70 21.28 -13.71
N TYR A 779 -13.82 21.63 -13.11
CA TYR A 779 -14.94 20.69 -12.98
C TYR A 779 -15.37 20.30 -14.37
N LYS A 780 -15.53 21.31 -15.26
CA LYS A 780 -15.96 21.06 -16.59
C LYS A 780 -14.99 20.20 -17.38
N LEU A 781 -13.71 20.38 -17.11
CA LEU A 781 -12.66 19.60 -17.76
C LEU A 781 -12.64 18.13 -17.24
N SER A 782 -13.15 17.91 -16.06
CA SER A 782 -13.02 16.63 -15.36
C SER A 782 -14.29 15.77 -15.42
N LYS A 783 -15.45 16.37 -15.61
CA LYS A 783 -16.69 15.70 -15.27
C LYS A 783 -17.08 14.50 -16.13
N ASP A 784 -16.49 14.37 -17.30
CA ASP A 784 -16.90 13.34 -18.29
C ASP A 784 -15.99 12.15 -18.26
N ASP A 785 -15.03 12.14 -17.34
CA ASP A 785 -14.17 10.95 -17.19
C ASP A 785 -14.27 10.56 -15.72
N GLU A 786 -14.71 9.35 -15.41
CA GLU A 786 -15.01 8.98 -14.04
C GLU A 786 -13.80 9.14 -13.10
N LEU A 787 -12.61 8.80 -13.60
CA LEU A 787 -11.40 8.75 -12.78
C LEU A 787 -10.87 10.17 -12.64
N LEU A 788 -10.88 10.95 -13.74
CA LEU A 788 -10.50 12.37 -13.64
C LEU A 788 -11.39 13.16 -12.67
N LEU A 789 -12.70 12.88 -12.67
CA LEU A 789 -13.62 13.50 -11.69
C LEU A 789 -13.27 13.14 -10.27
N GLN A 790 -12.90 11.89 -10.05
CA GLN A 790 -12.40 11.54 -8.71
C GLN A 790 -11.11 12.35 -8.34
N GLU A 791 -10.21 12.55 -9.28
CA GLU A 791 -8.98 13.35 -9.01
C GLU A 791 -9.33 14.81 -8.74
N TRP A 792 -10.34 15.32 -9.44
CA TRP A 792 -10.88 16.68 -9.14
C TRP A 792 -11.50 16.76 -7.74
N LEU A 793 -12.24 15.71 -7.34
CA LEU A 793 -12.78 15.66 -5.97
C LEU A 793 -11.66 15.71 -4.95
N LYS A 794 -10.56 14.94 -5.18
CA LYS A 794 -9.48 14.96 -4.23
C LYS A 794 -8.83 16.36 -4.14
N THR A 795 -8.75 17.01 -5.31
CA THR A 795 -8.12 18.35 -5.42
C THR A 795 -8.92 19.39 -4.64
N VAL A 796 -10.22 19.27 -4.75
CA VAL A 796 -11.11 20.17 -3.98
C VAL A 796 -10.96 19.85 -2.49
N SER A 797 -11.03 18.57 -2.18
CA SER A 797 -10.99 18.08 -0.76
C SER A 797 -9.73 18.53 -0.01
N ARG A 798 -8.60 18.55 -0.69
CA ARG A 798 -7.36 18.93 -0.04
C ARG A 798 -7.09 20.44 -0.15
N SER A 799 -8.00 21.21 -0.77
CA SER A 799 -7.75 22.64 -0.96
C SER A 799 -7.71 23.38 0.38
N ASP A 800 -6.74 24.31 0.46
CA ASP A 800 -6.48 25.05 1.72
C ASP A 800 -7.41 26.25 1.79
N ARG A 801 -8.65 25.95 2.13
CA ARG A 801 -9.74 26.88 2.09
C ARG A 801 -10.27 27.03 3.50
N LYS A 802 -10.49 28.28 3.93
CA LYS A 802 -11.20 28.51 5.22
C LYS A 802 -12.67 27.99 5.23
N ASP A 803 -13.30 27.97 4.06
CA ASP A 803 -14.66 27.52 3.89
C ASP A 803 -14.73 26.05 3.46
N ILE A 804 -13.77 25.24 3.85
CA ILE A 804 -13.75 23.83 3.36
C ILE A 804 -14.97 23.06 3.80
N TYR A 805 -15.47 23.30 5.02
CA TYR A 805 -16.67 22.61 5.43
C TYR A 805 -17.86 22.88 4.49
N GLU A 806 -18.04 24.13 4.07
CA GLU A 806 -19.12 24.46 3.11
C GLU A 806 -18.86 23.89 1.73
N ILE A 807 -17.58 23.79 1.37
CA ILE A 807 -17.23 23.17 0.07
C ILE A 807 -17.55 21.64 0.13
N LEU A 808 -17.21 20.96 1.20
CA LEU A 808 -17.53 19.52 1.34
C LEU A 808 -19.02 19.25 1.25
N LYS A 809 -19.81 20.10 1.89
CA LYS A 809 -21.26 19.94 1.83
C LYS A 809 -21.72 20.15 0.37
N LYS A 810 -21.14 21.11 -0.33
CA LYS A 810 -21.45 21.28 -1.77
C LYS A 810 -21.05 20.00 -2.60
N LEU A 811 -19.89 19.40 -2.30
CA LEU A 811 -19.52 18.16 -2.99
C LEU A 811 -20.51 17.01 -2.70
N GLU A 812 -20.92 16.88 -1.46
CA GLU A 812 -21.88 15.88 -1.08
C GLU A 812 -23.14 16.06 -1.82
N ASN A 813 -23.62 17.29 -1.90
CA ASN A 813 -24.95 17.48 -2.47
C ASN A 813 -24.95 17.49 -3.93
N GLU A 814 -23.90 18.02 -4.56
CA GLU A 814 -23.89 18.22 -6.00
C GLU A 814 -23.19 17.12 -6.80
N VAL A 815 -22.24 16.38 -6.19
CA VAL A 815 -21.45 15.41 -6.94
C VAL A 815 -21.49 14.01 -6.38
N LEU A 816 -21.19 13.86 -5.08
CA LEU A 816 -21.18 12.55 -4.47
C LEU A 816 -22.55 11.90 -4.33
N LYS A 817 -23.49 12.67 -3.82
CA LYS A 817 -24.83 12.20 -3.60
C LYS A 817 -24.88 10.81 -2.91
N ASP A 818 -25.60 9.86 -3.48
CA ASP A 818 -25.82 8.61 -2.75
C ASP A 818 -24.78 7.56 -3.18
N SER A 819 -23.70 7.98 -3.86
CA SER A 819 -22.73 7.00 -4.42
C SER A 819 -22.26 6.01 -3.36
N LYS A 820 -22.17 4.75 -3.78
CA LYS A 820 -21.58 3.71 -2.97
C LYS A 820 -20.18 3.31 -3.56
N ASN A 821 -19.66 4.08 -4.51
CA ASN A 821 -18.39 3.78 -5.19
C ASN A 821 -17.29 4.15 -4.14
N PRO A 822 -16.48 3.19 -3.69
CA PRO A 822 -15.41 3.53 -2.71
C PRO A 822 -14.47 4.64 -3.19
N ASN A 823 -14.20 4.70 -4.50
CA ASN A 823 -13.28 5.76 -4.95
C ASN A 823 -13.91 7.12 -4.80
N ASP A 824 -15.20 7.22 -4.99
CA ASP A 824 -15.87 8.56 -4.81
C ASP A 824 -15.82 8.96 -3.35
N ILE A 825 -16.18 8.02 -2.45
CA ILE A 825 -16.24 8.31 -1.02
C ILE A 825 -14.85 8.66 -0.48
N ARG A 826 -13.81 7.88 -0.90
CA ARG A 826 -12.46 8.18 -0.47
C ARG A 826 -11.96 9.52 -0.98
N ALA A 827 -12.36 9.86 -2.21
CA ALA A 827 -11.89 11.10 -2.86
C ALA A 827 -12.44 12.32 -2.16
N VAL A 828 -13.69 12.26 -1.74
CA VAL A 828 -14.32 13.40 -1.08
C VAL A 828 -13.74 13.66 0.30
N TYR A 829 -13.56 12.59 1.09
CA TYR A 829 -13.25 12.75 2.52
C TYR A 829 -11.80 12.61 2.95
N LEU A 830 -11.02 11.66 2.39
CA LEU A 830 -9.69 11.41 2.96
C LEU A 830 -8.78 12.61 2.83
N PRO A 831 -8.74 13.27 1.66
CA PRO A 831 -7.78 14.39 1.61
C PRO A 831 -8.05 15.47 2.64
N PHE A 832 -9.29 15.84 2.81
CA PHE A 832 -9.70 16.75 3.84
C PHE A 832 -9.22 16.35 5.22
N THR A 833 -9.23 15.05 5.55
CA THR A 833 -8.75 14.61 6.87
C THR A 833 -7.27 14.91 7.12
N ASN A 834 -6.47 15.20 6.08
CA ASN A 834 -5.11 15.58 6.21
C ASN A 834 -4.97 17.10 6.36
N ASN A 835 -6.07 17.84 6.37
CA ASN A 835 -6.03 19.31 6.62
C ASN A 835 -5.86 19.54 8.11
N LEU A 836 -4.61 19.84 8.50
CA LEU A 836 -4.25 19.85 9.94
C LEU A 836 -5.04 20.88 10.69
N ARG A 837 -5.16 22.08 10.13
CA ARG A 837 -5.94 23.11 10.77
C ARG A 837 -7.45 22.92 10.86
N ARG A 838 -8.05 22.42 9.78
CA ARG A 838 -9.48 22.34 9.65
C ARG A 838 -10.09 21.02 10.15
N PHE A 839 -9.46 19.87 9.82
CA PHE A 839 -9.98 18.60 10.28
C PHE A 839 -9.94 18.50 11.82
N HIS A 840 -8.87 19.07 12.42
CA HIS A 840 -8.72 19.04 13.86
C HIS A 840 -9.28 20.27 14.56
N ASP A 841 -10.20 20.96 13.92
CA ASP A 841 -10.94 22.06 14.55
C ASP A 841 -11.32 21.68 15.97
N ILE A 842 -10.93 22.52 16.90
CA ILE A 842 -11.12 22.27 18.32
C ILE A 842 -12.59 22.03 18.76
N SER A 843 -13.60 22.44 17.98
CA SER A 843 -14.98 22.05 18.17
C SER A 843 -15.28 20.55 18.04
N GLY A 844 -14.42 19.84 17.32
CA GLY A 844 -14.67 18.43 17.07
C GLY A 844 -15.52 18.17 15.85
N LYS A 845 -15.85 19.21 15.09
CA LYS A 845 -16.80 19.06 14.00
C LYS A 845 -16.24 18.19 12.89
N GLY A 846 -14.92 18.21 12.73
CA GLY A 846 -14.21 17.34 11.77
C GLY A 846 -14.36 15.90 12.12
N TYR A 847 -14.16 15.61 13.42
CA TYR A 847 -14.22 14.24 13.90
C TYR A 847 -15.64 13.70 13.77
N LYS A 848 -16.62 14.57 14.04
CA LYS A 848 -18.04 14.21 13.96
C LYS A 848 -18.41 13.90 12.52
N LEU A 849 -18.00 14.72 11.57
CA LEU A 849 -18.32 14.55 10.13
C LEU A 849 -17.76 13.22 9.62
N ILE A 850 -16.48 12.96 9.89
CA ILE A 850 -15.94 11.71 9.41
C ILE A 850 -16.57 10.53 10.13
N ALA A 851 -16.82 10.62 11.47
CA ALA A 851 -17.46 9.47 12.16
C ALA A 851 -18.85 9.14 11.53
N GLU A 852 -19.60 10.17 11.14
CA GLU A 852 -20.94 9.96 10.48
C GLU A 852 -20.78 9.25 9.16
N VAL A 853 -19.73 9.59 8.41
CA VAL A 853 -19.46 8.94 7.12
C VAL A 853 -19.07 7.51 7.34
N ILE A 854 -18.24 7.25 8.37
CA ILE A 854 -17.82 5.91 8.68
C ILE A 854 -19.04 5.01 8.98
N THR A 855 -19.90 5.52 9.85
CA THR A 855 -21.05 4.75 10.30
C THR A 855 -22.00 4.52 9.15
N LYS A 856 -22.17 5.52 8.30
CA LYS A 856 -23.02 5.38 7.11
C LYS A 856 -22.46 4.34 6.18
N THR A 857 -21.15 4.40 5.94
CA THR A 857 -20.51 3.53 4.99
C THR A 857 -20.49 2.06 5.52
N ASP A 858 -20.41 1.88 6.85
CA ASP A 858 -20.32 0.56 7.45
C ASP A 858 -21.60 -0.25 7.19
N LYS A 859 -22.71 0.45 6.93
CA LYS A 859 -23.95 -0.30 6.66
C LYS A 859 -23.93 -1.01 5.33
N PHE A 860 -23.01 -0.63 4.45
CA PHE A 860 -22.95 -1.39 3.18
C PHE A 860 -21.55 -1.86 2.73
N ASN A 861 -20.50 -1.28 3.32
CA ASN A 861 -19.14 -1.69 2.99
C ASN A 861 -18.20 -1.53 4.20
N PRO A 862 -18.15 -2.57 5.06
CA PRO A 862 -17.36 -2.55 6.31
C PRO A 862 -15.86 -2.29 6.01
N MET A 863 -15.34 -2.84 4.93
CA MET A 863 -13.90 -2.66 4.67
C MET A 863 -13.59 -1.20 4.40
N VAL A 864 -14.40 -0.57 3.57
CA VAL A 864 -14.25 0.85 3.31
C VAL A 864 -14.41 1.74 4.55
N ALA A 865 -15.36 1.36 5.40
CA ALA A 865 -15.62 2.10 6.62
C ALA A 865 -14.41 2.05 7.48
N THR A 866 -13.72 0.89 7.54
CA THR A 866 -12.47 0.80 8.37
C THR A 866 -11.33 1.62 7.78
N GLN A 867 -11.28 1.69 6.46
CA GLN A 867 -10.32 2.61 5.79
C GLN A 867 -10.54 4.07 6.20
N LEU A 868 -11.80 4.47 6.29
CA LEU A 868 -12.17 5.83 6.64
C LEU A 868 -11.85 6.19 8.09
N CYS A 869 -11.54 5.18 8.91
CA CYS A 869 -11.14 5.35 10.34
C CYS A 869 -9.73 5.84 10.47
N GLU A 870 -8.99 5.85 9.37
CA GLU A 870 -7.57 6.16 9.41
C GLU A 870 -7.19 7.40 10.22
N PRO A 871 -7.92 8.54 10.10
CA PRO A 871 -7.50 9.74 10.89
C PRO A 871 -7.51 9.51 12.41
N PHE A 872 -8.29 8.54 12.87
CA PHE A 872 -8.45 8.33 14.30
C PHE A 872 -7.28 7.56 14.87
N LYS A 873 -6.38 6.99 14.02
CA LYS A 873 -5.33 6.14 14.53
C LYS A 873 -4.37 6.87 15.44
N LEU A 874 -4.23 8.18 15.26
CA LEU A 874 -3.32 8.93 16.11
C LEU A 874 -3.97 9.56 17.30
N TRP A 875 -5.17 9.08 17.69
CA TRP A 875 -5.94 9.81 18.71
C TRP A 875 -5.24 10.00 20.03
N ASN A 876 -4.49 8.99 20.48
CA ASN A 876 -3.84 9.05 21.78
C ASN A 876 -2.47 9.79 21.74
N LYS A 877 -2.13 10.36 20.59
CA LYS A 877 -1.00 11.28 20.44
C LYS A 877 -1.41 12.72 20.60
N LEU A 878 -2.70 13.08 20.58
CA LEU A 878 -3.17 14.46 20.54
C LEU A 878 -3.23 15.06 21.94
N ASP A 879 -3.38 16.40 21.97
CA ASP A 879 -3.65 17.08 23.24
C ASP A 879 -4.93 16.52 23.87
N THR A 880 -5.09 16.66 25.19
CA THR A 880 -6.18 15.93 25.83
C THR A 880 -7.66 16.34 25.47
N LYS A 881 -7.91 17.57 25.06
CA LYS A 881 -9.19 17.95 24.52
C LYS A 881 -9.52 17.21 23.21
N ARG A 882 -8.57 17.19 22.28
CA ARG A 882 -8.80 16.44 21.05
C ARG A 882 -8.84 14.94 21.25
N GLN A 883 -8.01 14.37 22.15
CA GLN A 883 -8.16 12.98 22.50
C GLN A 883 -9.60 12.67 22.95
N GLU A 884 -10.12 13.51 23.85
CA GLU A 884 -11.48 13.30 24.37
C GLU A 884 -12.57 13.34 23.26
N LEU A 885 -12.43 14.30 22.36
CA LEU A 885 -13.40 14.46 21.21
C LEU A 885 -13.33 13.24 20.29
N MET A 886 -12.12 12.80 19.97
CA MET A 886 -11.98 11.62 19.09
C MET A 886 -12.53 10.39 19.77
N LEU A 887 -12.20 10.26 21.05
CA LEU A 887 -12.64 9.09 21.78
C LEU A 887 -14.17 9.08 21.81
N ASN A 888 -14.76 10.27 22.01
CA ASN A 888 -16.21 10.29 22.11
C ASN A 888 -16.82 9.83 20.80
N GLU A 889 -16.29 10.25 19.66
CA GLU A 889 -16.81 9.76 18.37
C GLU A 889 -16.58 8.30 18.14
N MET A 890 -15.40 7.75 18.54
CA MET A 890 -15.11 6.32 18.44
C MET A 890 -16.09 5.53 19.26
N ASN A 891 -16.30 5.91 20.51
CA ASN A 891 -17.29 5.18 21.32
C ASN A 891 -18.74 5.30 20.76
N THR A 892 -19.11 6.45 20.19
CA THR A 892 -20.42 6.63 19.47
C THR A 892 -20.51 5.63 18.35
N MET A 893 -19.46 5.51 17.52
CA MET A 893 -19.48 4.50 16.45
C MET A 893 -19.63 3.08 16.93
N LEU A 894 -19.00 2.76 18.07
CA LEU A 894 -19.03 1.48 18.66
C LEU A 894 -20.41 1.05 19.15
N GLN A 895 -21.18 2.05 19.52
CA GLN A 895 -22.59 1.89 19.99
C GLN A 895 -23.60 1.70 18.86
N GLU A 896 -23.16 1.79 17.60
CA GLU A 896 -24.11 1.75 16.51
C GLU A 896 -24.68 0.37 16.37
N PRO A 897 -26.04 0.29 16.29
CA PRO A 897 -26.52 -1.04 16.11
C PRO A 897 -26.10 -1.69 14.76
N ASN A 898 -25.87 -3.01 14.84
CA ASN A 898 -25.48 -3.86 13.71
C ASN A 898 -24.13 -3.42 13.13
N ILE A 899 -23.31 -2.80 13.94
CA ILE A 899 -21.90 -2.54 13.50
C ILE A 899 -21.24 -3.81 13.05
N SER A 900 -20.46 -3.72 11.96
CA SER A 900 -19.81 -4.84 11.42
C SER A 900 -18.74 -5.37 12.34
N ASN A 901 -18.40 -6.66 12.20
CA ASN A 901 -17.36 -7.22 12.98
C ASN A 901 -16.03 -6.55 12.63
N ASN A 902 -15.83 -6.18 11.36
CA ASN A 902 -14.62 -5.43 10.93
C ASN A 902 -14.41 -4.15 11.66
N LEU A 903 -15.44 -3.30 11.67
CA LEU A 903 -15.33 -2.01 12.31
C LEU A 903 -15.26 -2.11 13.83
N LYS A 904 -16.09 -2.97 14.41
CA LYS A 904 -16.06 -3.18 15.84
C LYS A 904 -14.69 -3.69 16.33
N GLU A 905 -14.09 -4.66 15.65
CA GLU A 905 -12.75 -5.12 16.06
C GLU A 905 -11.72 -3.99 15.98
N TYR A 906 -11.78 -3.23 14.86
CA TYR A 906 -10.83 -2.16 14.62
C TYR A 906 -10.91 -1.14 15.75
N LEU A 907 -12.15 -0.71 16.04
CA LEU A 907 -12.35 0.33 17.04
C LEU A 907 -12.10 -0.13 18.49
N LEU A 908 -12.36 -1.42 18.76
CA LEU A 908 -12.08 -1.95 20.09
C LEU A 908 -10.56 -2.05 20.32
N ARG A 909 -9.84 -2.48 19.31
CA ARG A 909 -8.38 -2.49 19.39
C ARG A 909 -7.78 -1.08 19.53
N LEU A 910 -8.27 -0.17 18.71
CA LEU A 910 -7.78 1.19 18.67
C LEU A 910 -8.00 1.92 20.00
N THR A 911 -9.06 1.55 20.77
CA THR A 911 -9.45 2.26 22.02
C THR A 911 -9.06 1.47 23.24
N ASN A 912 -8.12 0.53 23.05
CA ASN A 912 -7.49 -0.27 24.14
C ASN A 912 -8.45 -1.20 24.86
N LYS A 913 -9.54 -1.59 24.20
CA LYS A 913 -10.47 -2.53 24.78
C LYS A 913 -10.24 -3.98 24.33
N LEU A 914 -9.44 -4.19 23.30
CA LEU A 914 -9.21 -5.56 22.80
C LEU A 914 -7.77 -5.78 22.40
MG MG B . -27.31 -13.83 0.14
MG MG C . 3.14 0.13 -3.87
MG MG D . -19.74 6.30 -10.95
ZN ZN E . -0.77 -8.13 -2.95
C1 GOL F . 2.30 25.20 0.30
O1 GOL F . 1.02 25.63 0.75
C2 GOL F . 3.24 25.32 1.41
O2 GOL F . 2.91 24.37 2.42
C3 GOL F . 3.07 26.69 1.97
O3 GOL F . 4.19 27.15 2.64
C1 GOL G . -0.57 -1.58 -4.62
O1 GOL G . -0.46 -0.76 -3.46
C2 GOL G . -0.28 -2.98 -4.29
O2 GOL G . -0.43 -3.19 -2.85
C3 GOL G . -1.30 -3.94 -4.90
O3 GOL G . -2.58 -3.37 -4.92
C1 GOL H . -7.91 -0.99 8.03
O1 GOL H . -8.38 -0.61 6.73
C2 GOL H . -6.67 -1.84 7.91
O2 GOL H . -7.05 -3.09 7.34
C3 GOL H . -5.60 -1.17 7.04
O3 GOL H . -5.75 0.25 7.04
F1 E8C I . -5.17 -0.66 0.90
CG1 E8C I . -5.55 0.00 -0.26
CD1 E8C I . -6.57 0.92 -0.05
C3 E8C I . -7.06 1.61 -1.15
F2 E8C I . -8.01 2.49 -0.88
C4 E8C I . -6.61 1.48 -2.44
CG2 E8C I . -5.55 0.60 -2.65
CB E8C I . -5.01 -0.14 -1.60
CA E8C I . -3.96 -1.06 -2.07
N E8C I . -3.84 -2.47 -1.41
C8 E8C I . -4.24 -3.61 -2.10
O E8C I . -4.68 -3.46 -3.24
N2 E8C I . -4.14 -4.88 -1.50
C9 E8C I . -4.43 -5.90 -2.35
C10 E8C I . -5.28 -6.79 -1.42
C11 E8C I . -6.15 -7.81 -2.04
C12 E8C I . -7.43 -7.26 -2.70
C13 E8C I . -6.74 -8.78 -1.00
C14 E8C I . -3.23 -6.70 -2.76
O2 E8C I . -2.32 -7.02 -2.03
N3 E8C I . -3.27 -7.15 -4.03
O3 E8C I . -2.25 -8.01 -4.46
#